data_9JR4
#
_entry.id   9JR4
#
_cell.length_a   168.990
_cell.length_b   168.990
_cell.length_c   86.080
_cell.angle_alpha   90.00
_cell.angle_beta   90.00
_cell.angle_gamma   90.00
#
_symmetry.space_group_name_H-M   'P 41 21 2'
#
loop_
_entity.id
_entity.type
_entity.pdbx_description
1 polymer 'Angiotensin-converting enzyme'
2 polymer 'Spike glycoprotein'
3 branched alpha-D-mannopyranose-(1-6)-beta-D-mannopyranose-(1-4)-2-acetamido-2-deoxy-beta-D-glucopyranose-(1-4)-[alpha-L-fucopyranose-(1-6)]2-acetamido-2-deoxy-beta-D-glucopyranose
4 branched 2-acetamido-2-deoxy-beta-D-glucopyranose-(1-4)-2-acetamido-2-deoxy-beta-D-glucopyranose
5 non-polymer 'CHLORIDE ION'
6 non-polymer 2-acetamido-2-deoxy-beta-D-glucopyranose
7 non-polymer 'ZINC ION'
8 water water
#
loop_
_entity_poly.entity_id
_entity_poly.type
_entity_poly.pdbx_seq_one_letter_code
_entity_poly.pdbx_strand_id
1 'polypeptide(L)'
;STIEELAKTFLDKFNQEAEDLDHQRSLAAWNYNTNITKENTEKMNEAEAKWSAFYEEQSKLAKDYPLQEIQNFTLKRQLQ
ALQQSGSSALSANKREQLNTILNTMSTIYSTGKVCNPKKPQECLLLEPGLDEIMANSTDYSERLWVWEGWRSEVGKQLRP
LYEEYVVLKNEMARANNYEDYGDYWRGDYEAEGADGYGYNRNQLIEDVERTFAEIKPLYEHLHAYVRAKLMNTYPSYISP
TGCLPAHLLGDMWGRFWTNLYSLTVPFPEKPNIDVTDAMINQNWNAVRIFKEAEKFFVSVGLPNMTQGFWENSMLTEPTD
GRKVVCHPTAWDLQKGDFRIKMCTKVTMDNFLTAHHEMGHIQYDMAYAMQPYLLRNGANEGFHEAVGEIMSLSASTPKHL
KSIGLLPSDFREDNETEINFLLKQALTIVGTLPFTYMLEKWRWMVFKGEIPKDQWMKKWWEMKREIVGVMEPVPHDETYC
DPAALYHVSNDFSFIRYYTRTIYQFQFQEALCQAAKHEGPLHKCDISNSTEAGQKLLNMLRLGKSKPWTLALENVVGARN
MDVRPLLNYFEPLFGWLKDQNRNSFVGWNTDWSPYTD
;
B
2 'polypeptide(L)'
;PTNLCPFGEVFNATTFASVYAWNRKRISNCVADYSVLYNSTSFSTFKCYGVSPTKLNDLCFTNVYADSFVITGDEVRQIA
PGQTGKIADYNYKLPDDFTGCVIAWNSKHIDAKEGGNFNYLYRLFRKANLKPFERDISTEIYQAGSKPCNGQTGLNCYYP
LYRYGFYPTDGVGHQPYRVVVLSFELLNAPATVCGHHH
;
E
#
# COMPACT_ATOMS: atom_id res chain seq x y z
N GLU A 4 -23.67 26.45 -1.65
CA GLU A 4 -22.33 26.37 -2.22
C GLU A 4 -21.94 24.92 -2.51
N GLU A 5 -20.68 24.58 -2.22
CA GLU A 5 -20.13 23.23 -2.42
C GLU A 5 -20.65 22.31 -1.34
N LEU A 6 -21.80 21.72 -1.60
CA LEU A 6 -22.29 20.65 -0.76
C LEU A 6 -21.56 19.36 -1.03
N ALA A 7 -20.69 19.35 -2.04
CA ALA A 7 -19.87 18.19 -2.32
C ALA A 7 -19.14 17.70 -1.08
N LYS A 8 -18.56 18.62 -0.31
CA LYS A 8 -17.84 18.24 0.91
C LYS A 8 -18.73 17.42 1.83
N THR A 9 -19.94 17.90 2.09
CA THR A 9 -20.85 17.15 2.94
C THR A 9 -21.25 15.83 2.30
N PHE A 10 -21.16 15.71 0.97
CA PHE A 10 -21.26 14.40 0.35
C PHE A 10 -20.02 13.56 0.66
N LEU A 11 -18.84 14.18 0.65
CA LEU A 11 -17.59 13.41 0.66
C LEU A 11 -17.39 12.70 2.00
N ASP A 12 -17.56 13.43 3.12
CA ASP A 12 -17.45 12.81 4.43
C ASP A 12 -18.35 11.59 4.53
N LYS A 13 -19.56 11.67 3.95
CA LYS A 13 -20.41 10.49 3.91
C LYS A 13 -19.72 9.37 3.15
N PHE A 14 -19.17 9.67 1.97
CA PHE A 14 -18.44 8.64 1.24
C PHE A 14 -17.26 8.15 2.05
N ASN A 15 -16.46 9.08 2.59
CA ASN A 15 -15.25 8.74 3.31
C ASN A 15 -15.51 7.69 4.39
N GLN A 16 -16.64 7.83 5.10
CA GLN A 16 -16.94 6.93 6.22
C GLN A 16 -17.60 5.62 5.76
N GLU A 17 -18.46 5.69 4.74
CA GLU A 17 -19.04 4.46 4.21
C GLU A 17 -18.00 3.64 3.45
N ALA A 18 -17.08 4.32 2.76
CA ALA A 18 -16.00 3.64 2.06
C ALA A 18 -15.19 2.77 3.01
N GLU A 19 -14.59 3.39 4.03
CA GLU A 19 -13.69 2.62 4.86
C GLU A 19 -14.42 1.49 5.57
N ASP A 20 -15.67 1.73 5.98
CA ASP A 20 -16.42 0.72 6.71
C ASP A 20 -16.60 -0.55 5.89
N LEU A 21 -16.89 -0.41 4.59
CA LEU A 21 -17.07 -1.57 3.73
C LEU A 21 -15.73 -2.10 3.24
N ASP A 22 -14.85 -1.20 2.80
CA ASP A 22 -13.53 -1.62 2.34
C ASP A 22 -12.80 -2.36 3.45
N HIS A 23 -13.02 -1.93 4.69
CA HIS A 23 -12.62 -2.75 5.83
C HIS A 23 -13.16 -4.15 5.69
N GLN A 24 -14.45 -4.26 5.40
CA GLN A 24 -15.09 -5.57 5.27
C GLN A 24 -14.65 -6.30 4.02
N ARG A 25 -14.29 -5.55 2.98
CA ARG A 25 -13.75 -6.22 1.80
C ARG A 25 -12.37 -6.77 2.09
N SER A 26 -11.51 -5.94 2.70
CA SER A 26 -10.15 -6.37 3.02
C SER A 26 -10.18 -7.61 3.88
N LEU A 27 -11.00 -7.60 4.93
CA LEU A 27 -11.06 -8.74 5.84
C LEU A 27 -11.47 -10.01 5.10
N ALA A 28 -12.46 -9.91 4.21
CA ALA A 28 -12.86 -11.06 3.42
C ALA A 28 -11.72 -11.57 2.55
N ALA A 29 -11.01 -10.66 1.89
CA ALA A 29 -9.89 -11.05 1.04
C ALA A 29 -8.79 -11.71 1.87
N TRP A 30 -8.41 -11.09 2.99
CA TRP A 30 -7.34 -11.65 3.82
C TRP A 30 -7.70 -13.04 4.33
N ASN A 31 -8.95 -13.24 4.74
CA ASN A 31 -9.33 -14.57 5.22
C ASN A 31 -9.21 -15.59 4.09
N TYR A 32 -9.39 -15.16 2.84
CA TYR A 32 -9.13 -16.06 1.72
C TYR A 32 -7.64 -16.36 1.59
N ASN A 33 -6.82 -15.31 1.45
CA ASN A 33 -5.42 -15.49 1.10
C ASN A 33 -4.66 -16.30 2.14
N THR A 34 -5.05 -16.23 3.40
CA THR A 34 -4.38 -17.03 4.41
C THR A 34 -5.05 -18.37 4.64
N ASN A 35 -6.25 -18.59 4.10
CA ASN A 35 -7.01 -19.82 4.35
C ASN A 35 -7.90 -20.03 3.12
N ILE A 36 -7.39 -20.78 2.15
CA ILE A 36 -8.06 -20.89 0.85
C ILE A 36 -9.08 -22.01 0.97
N THR A 37 -10.35 -21.63 1.10
CA THR A 37 -11.47 -22.57 1.17
C THR A 37 -12.47 -22.22 0.07
N LYS A 38 -13.33 -23.19 -0.24
CA LYS A 38 -14.53 -22.89 -1.03
C LYS A 38 -15.38 -21.83 -0.33
N GLU A 39 -15.61 -22.02 0.96
CA GLU A 39 -16.37 -21.04 1.73
C GLU A 39 -15.68 -19.69 1.72
N ASN A 40 -14.35 -19.68 1.94
CA ASN A 40 -13.62 -18.41 2.06
C ASN A 40 -13.46 -17.72 0.70
N THR A 41 -13.39 -18.49 -0.39
CA THR A 41 -13.40 -17.90 -1.72
C THR A 41 -14.75 -17.24 -2.00
N GLU A 42 -15.84 -17.91 -1.62
CA GLU A 42 -17.16 -17.37 -1.90
C GLU A 42 -17.41 -16.06 -1.17
N LYS A 43 -17.05 -16.02 0.13
CA LYS A 43 -17.29 -14.81 0.93
C LYS A 43 -16.55 -13.60 0.39
N MET A 44 -15.37 -13.81 -0.21
CA MET A 44 -14.67 -12.70 -0.87
C MET A 44 -15.54 -12.11 -1.97
N ASN A 45 -16.14 -12.97 -2.80
CA ASN A 45 -16.94 -12.46 -3.90
C ASN A 45 -18.14 -11.66 -3.41
N GLU A 46 -18.76 -12.09 -2.32
CA GLU A 46 -19.85 -11.30 -1.74
C GLU A 46 -19.37 -9.90 -1.37
N ALA A 47 -18.24 -9.80 -0.66
CA ALA A 47 -17.69 -8.50 -0.32
C ALA A 47 -17.12 -7.82 -1.55
N GLU A 48 -16.50 -8.58 -2.44
CA GLU A 48 -16.05 -8.00 -3.70
C GLU A 48 -17.23 -7.54 -4.53
N ALA A 49 -18.38 -8.22 -4.41
CA ALA A 49 -19.60 -7.75 -5.07
C ALA A 49 -20.11 -6.47 -4.43
N LYS A 50 -20.27 -6.46 -3.11
CA LYS A 50 -20.84 -5.29 -2.44
C LYS A 50 -20.01 -4.05 -2.74
N TRP A 51 -18.68 -4.17 -2.71
CA TRP A 51 -17.84 -3.01 -2.92
C TRP A 51 -18.00 -2.44 -4.31
N SER A 52 -18.05 -3.31 -5.31
CA SER A 52 -18.28 -2.86 -6.68
C SER A 52 -19.63 -2.16 -6.81
N ALA A 53 -20.68 -2.75 -6.25
CA ALA A 53 -21.99 -2.12 -6.25
C ALA A 53 -21.94 -0.79 -5.54
N PHE A 54 -21.23 -0.74 -4.41
CA PHE A 54 -21.11 0.49 -3.64
C PHE A 54 -20.46 1.61 -4.46
N TYR A 55 -19.40 1.28 -5.20
CA TYR A 55 -18.68 2.31 -5.93
C TYR A 55 -19.51 2.89 -7.07
N GLU A 56 -20.20 2.03 -7.84
CA GLU A 56 -20.94 2.48 -9.00
C GLU A 56 -21.97 3.55 -8.64
N GLU A 57 -22.57 3.43 -7.46
CA GLU A 57 -23.54 4.45 -7.08
C GLU A 57 -22.84 5.74 -6.66
N GLN A 58 -21.76 5.64 -5.91
CA GLN A 58 -21.00 6.81 -5.52
C GLN A 58 -20.38 7.50 -6.73
N SER A 59 -19.82 6.71 -7.65
CA SER A 59 -19.32 7.28 -8.89
C SER A 59 -20.41 8.10 -9.56
N LYS A 60 -21.59 7.50 -9.75
CA LYS A 60 -22.70 8.23 -10.39
C LYS A 60 -23.17 9.40 -9.52
N LEU A 61 -23.30 9.18 -8.21
CA LEU A 61 -23.67 10.28 -7.31
C LEU A 61 -22.63 11.39 -7.31
N ALA A 62 -21.35 11.04 -7.40
CA ALA A 62 -20.31 12.07 -7.49
C ALA A 62 -20.53 12.97 -8.69
N LYS A 63 -20.90 12.38 -9.83
CA LYS A 63 -21.09 13.13 -11.05
C LYS A 63 -22.12 14.24 -10.87
N ASP A 64 -23.04 14.09 -9.90
CA ASP A 64 -24.01 15.15 -9.59
C ASP A 64 -23.33 16.45 -9.23
N TYR A 65 -22.10 16.40 -8.71
CA TYR A 65 -21.41 17.61 -8.31
C TYR A 65 -20.41 18.00 -9.39
N PRO A 66 -20.48 19.20 -9.96
CA PRO A 66 -19.56 19.59 -11.06
C PRO A 66 -18.17 19.91 -10.53
N LEU A 67 -17.16 19.28 -11.16
CA LEU A 67 -15.80 19.43 -10.66
C LEU A 67 -15.29 20.86 -10.78
N GLN A 68 -15.79 21.64 -11.73
CA GLN A 68 -15.27 22.99 -11.95
C GLN A 68 -16.02 24.05 -11.16
N GLU A 69 -16.94 23.69 -10.28
CA GLU A 69 -17.36 24.65 -9.26
C GLU A 69 -16.46 24.60 -8.03
N ILE A 70 -15.66 23.55 -7.86
CA ILE A 70 -14.90 23.32 -6.63
C ILE A 70 -13.58 24.07 -6.69
N GLN A 71 -13.34 24.93 -5.70
CA GLN A 71 -12.13 25.74 -5.65
C GLN A 71 -11.02 25.07 -4.85
N ASN A 72 -11.32 24.58 -3.65
CA ASN A 72 -10.29 23.90 -2.83
C ASN A 72 -9.78 22.68 -3.59
N PHE A 73 -8.54 22.77 -4.07
CA PHE A 73 -8.01 21.73 -4.95
C PHE A 73 -8.02 20.37 -4.29
N THR A 74 -7.80 20.32 -2.97
CA THR A 74 -7.80 19.04 -2.27
C THR A 74 -9.18 18.39 -2.35
N LEU A 75 -10.25 19.18 -2.21
CA LEU A 75 -11.60 18.64 -2.32
C LEU A 75 -11.94 18.28 -3.77
N LYS A 76 -11.55 19.13 -4.73
CA LYS A 76 -11.77 18.82 -6.14
C LYS A 76 -11.05 17.55 -6.56
N ARG A 77 -9.81 17.35 -6.07
CA ARG A 77 -9.04 16.18 -6.47
C ARG A 77 -9.76 14.89 -6.09
N GLN A 78 -10.30 14.83 -4.88
CA GLN A 78 -11.06 13.65 -4.49
C GLN A 78 -12.31 13.48 -5.34
N LEU A 79 -13.05 14.57 -5.58
CA LEU A 79 -14.26 14.47 -6.37
C LEU A 79 -13.97 13.92 -7.77
N GLN A 80 -12.91 14.43 -8.40
CA GLN A 80 -12.58 14.00 -9.75
C GLN A 80 -12.23 12.52 -9.79
N ALA A 81 -11.53 12.04 -8.77
CA ALA A 81 -11.25 10.61 -8.69
C ALA A 81 -12.54 9.80 -8.65
N LEU A 82 -13.54 10.27 -7.89
CA LEU A 82 -14.75 9.47 -7.73
C LEU A 82 -15.60 9.47 -9.00
N GLN A 83 -15.77 10.64 -9.61
CA GLN A 83 -16.60 10.66 -10.81
C GLN A 83 -15.87 10.09 -12.02
N GLN A 84 -14.54 10.20 -12.08
CA GLN A 84 -13.81 9.70 -13.24
C GLN A 84 -13.40 8.24 -13.05
N SER A 85 -12.62 7.96 -12.01
CA SER A 85 -12.12 6.60 -11.82
C SER A 85 -13.23 5.66 -11.38
N GLY A 86 -13.10 4.40 -11.79
CA GLY A 86 -14.01 3.33 -11.43
C GLY A 86 -15.41 3.53 -11.97
N SER A 87 -15.60 4.60 -12.73
CA SER A 87 -16.93 4.98 -13.22
C SER A 87 -17.33 4.09 -14.38
N SER A 88 -17.44 2.79 -14.08
CA SER A 88 -17.82 1.80 -15.07
C SER A 88 -19.35 1.78 -15.23
N ALA A 89 -19.90 2.93 -15.67
CA ALA A 89 -21.31 3.07 -16.00
C ALA A 89 -21.61 2.59 -17.41
N LEU A 90 -20.72 1.71 -17.91
CA LEU A 90 -20.67 1.19 -19.26
C LEU A 90 -21.99 0.68 -19.82
N SER A 91 -22.49 -0.44 -19.27
CA SER A 91 -23.72 -1.11 -19.66
C SER A 91 -23.88 -2.29 -18.72
N ALA A 92 -25.09 -2.78 -18.45
CA ALA A 92 -25.22 -3.86 -17.47
C ALA A 92 -24.57 -5.15 -17.98
N ASN A 93 -24.83 -5.50 -19.24
CA ASN A 93 -24.26 -6.71 -19.83
C ASN A 93 -22.76 -6.58 -20.13
N LYS A 94 -22.15 -5.43 -19.88
CA LYS A 94 -20.73 -5.26 -20.12
C LYS A 94 -19.94 -4.97 -18.85
N ARG A 95 -20.58 -4.49 -17.77
CA ARG A 95 -19.92 -4.46 -16.48
C ARG A 95 -19.82 -5.85 -15.88
N GLU A 96 -20.59 -6.80 -16.40
CA GLU A 96 -20.53 -8.17 -15.94
C GLU A 96 -19.83 -9.11 -16.91
N GLN A 97 -19.84 -8.82 -18.21
CA GLN A 97 -18.97 -9.54 -19.13
C GLN A 97 -17.50 -9.21 -18.83
N LEU A 98 -17.21 -7.95 -18.55
CA LEU A 98 -15.84 -7.57 -18.22
C LEU A 98 -15.39 -8.27 -16.95
N ASN A 99 -16.26 -8.37 -15.96
CA ASN A 99 -15.85 -9.01 -14.71
C ASN A 99 -15.66 -10.51 -14.90
N THR A 100 -16.49 -11.15 -15.71
CA THR A 100 -16.25 -12.55 -16.01
C THR A 100 -14.93 -12.73 -16.75
N ILE A 101 -14.62 -11.82 -17.67
CA ILE A 101 -13.31 -11.86 -18.32
C ILE A 101 -12.21 -11.65 -17.29
N LEU A 102 -12.40 -10.74 -16.35
CA LEU A 102 -11.31 -10.45 -15.43
C LEU A 102 -11.08 -11.56 -14.41
N ASN A 103 -12.12 -12.28 -13.98
CA ASN A 103 -11.86 -13.46 -13.16
C ASN A 103 -11.22 -14.56 -13.98
N THR A 104 -11.80 -14.86 -15.16
CA THR A 104 -11.30 -15.98 -15.95
C THR A 104 -9.83 -15.83 -16.30
N MET A 105 -9.39 -14.64 -16.70
CA MET A 105 -7.96 -14.46 -16.93
C MET A 105 -7.17 -14.61 -15.64
N SER A 106 -7.63 -14.01 -14.56
CA SER A 106 -6.90 -14.08 -13.30
C SER A 106 -6.69 -15.52 -12.87
N THR A 107 -7.70 -16.36 -13.03
CA THR A 107 -7.60 -17.73 -12.56
C THR A 107 -7.00 -18.69 -13.59
N ILE A 108 -7.12 -18.43 -14.89
CA ILE A 108 -6.40 -19.30 -15.83
C ILE A 108 -4.89 -19.19 -15.58
N TYR A 109 -4.40 -17.96 -15.34
CA TYR A 109 -3.01 -17.78 -14.95
C TYR A 109 -2.71 -18.49 -13.64
N SER A 110 -3.60 -18.38 -12.66
CA SER A 110 -3.35 -18.97 -11.33
C SER A 110 -3.31 -20.48 -11.37
N THR A 111 -3.88 -21.08 -12.40
CA THR A 111 -4.17 -22.51 -12.43
C THR A 111 -3.39 -23.18 -13.56
N GLY A 112 -2.50 -22.42 -14.20
CA GLY A 112 -1.64 -22.95 -15.24
C GLY A 112 -0.81 -24.15 -14.79
N LYS A 113 -0.79 -25.16 -15.65
CA LYS A 113 0.04 -26.35 -15.48
C LYS A 113 0.54 -26.77 -16.86
N VAL A 114 1.85 -26.84 -17.01
CA VAL A 114 2.43 -27.35 -18.25
C VAL A 114 3.21 -28.63 -17.94
N CYS A 115 3.30 -29.50 -18.93
CA CYS A 115 3.81 -30.84 -18.78
C CYS A 115 5.11 -31.00 -19.53
N ASN A 116 6.06 -31.74 -18.92
CA ASN A 116 7.32 -32.27 -19.43
C ASN A 116 7.06 -33.01 -20.73
N PRO A 117 7.50 -32.47 -21.88
CA PRO A 117 7.19 -33.13 -23.14
C PRO A 117 7.69 -34.56 -23.21
N LYS A 118 8.69 -34.90 -22.40
CA LYS A 118 9.20 -36.27 -22.30
C LYS A 118 8.60 -37.04 -21.12
N LYS A 119 7.96 -36.36 -20.18
CA LYS A 119 7.27 -36.99 -19.05
C LYS A 119 5.85 -36.45 -18.95
N PRO A 120 4.95 -36.88 -19.84
CA PRO A 120 3.65 -36.19 -19.97
C PRO A 120 2.84 -36.09 -18.68
N GLN A 121 2.82 -37.13 -17.83
CA GLN A 121 2.07 -37.02 -16.59
C GLN A 121 2.74 -36.11 -15.56
N GLU A 122 3.94 -35.63 -15.83
CA GLU A 122 4.60 -34.66 -14.95
C GLU A 122 4.20 -33.28 -15.43
N CYS A 123 3.20 -32.68 -14.77
CA CYS A 123 2.74 -31.33 -15.10
C CYS A 123 2.81 -30.49 -13.84
N LEU A 124 3.13 -29.21 -14.02
CA LEU A 124 3.57 -28.39 -12.90
C LEU A 124 2.97 -26.99 -12.95
N LEU A 125 2.56 -26.49 -11.78
CA LEU A 125 2.12 -25.11 -11.70
C LEU A 125 3.30 -24.15 -11.73
N LEU A 126 3.01 -22.91 -12.13
CA LEU A 126 4.03 -21.87 -12.16
C LEU A 126 4.41 -21.39 -10.77
N GLU A 127 3.44 -21.21 -9.89
CA GLU A 127 3.70 -20.42 -8.68
C GLU A 127 4.76 -21.05 -7.80
N PRO A 128 4.71 -22.36 -7.42
CA PRO A 128 5.93 -23.00 -6.86
C PRO A 128 6.92 -23.45 -7.90
N GLY A 129 6.49 -24.34 -8.78
CA GLY A 129 7.39 -25.20 -9.53
C GLY A 129 8.10 -24.64 -10.74
N LEU A 130 7.37 -24.28 -11.81
CA LEU A 130 8.03 -23.85 -13.04
C LEU A 130 8.91 -22.65 -12.81
N ASP A 131 8.59 -21.85 -11.81
CA ASP A 131 9.44 -20.73 -11.48
C ASP A 131 10.85 -21.20 -11.14
N GLU A 132 10.97 -22.36 -10.48
CA GLU A 132 12.28 -22.87 -10.07
C GLU A 132 13.17 -23.18 -11.26
N ILE A 133 12.66 -23.97 -12.21
CA ILE A 133 13.40 -24.28 -13.42
C ILE A 133 13.93 -23.00 -14.03
N MET A 134 13.11 -21.97 -14.07
CA MET A 134 13.47 -20.74 -14.75
C MET A 134 14.43 -19.86 -13.95
N ALA A 135 14.59 -20.13 -12.65
CA ALA A 135 15.58 -19.42 -11.87
C ALA A 135 16.86 -20.22 -11.65
N ASN A 136 16.82 -21.54 -11.82
CA ASN A 136 17.93 -22.41 -11.46
C ASN A 136 18.57 -23.16 -12.62
N SER A 137 17.88 -23.31 -13.76
CA SER A 137 18.35 -24.21 -14.79
C SER A 137 19.35 -23.54 -15.74
N THR A 138 20.25 -24.36 -16.27
CA THR A 138 21.12 -23.96 -17.37
C THR A 138 20.99 -24.91 -18.54
N ASP A 139 19.89 -25.68 -18.55
CA ASP A 139 19.63 -26.69 -19.56
C ASP A 139 18.70 -26.06 -20.59
N TYR A 140 19.29 -25.61 -21.70
CA TYR A 140 18.54 -24.84 -22.71
C TYR A 140 17.22 -25.51 -23.08
N SER A 141 17.28 -26.74 -23.57
CA SER A 141 16.06 -27.44 -23.97
C SER A 141 15.06 -27.54 -22.82
N GLU A 142 15.55 -27.65 -21.58
CA GLU A 142 14.63 -27.73 -20.45
C GLU A 142 13.90 -26.41 -20.28
N ARG A 143 14.63 -25.31 -20.35
CA ARG A 143 13.99 -24.01 -20.25
C ARG A 143 13.07 -23.77 -21.44
N LEU A 144 13.47 -24.22 -22.64
CA LEU A 144 12.64 -23.92 -23.82
C LEU A 144 11.25 -24.53 -23.69
N TRP A 145 11.11 -25.75 -23.17
CA TRP A 145 9.76 -26.28 -23.10
C TRP A 145 8.97 -25.62 -21.96
N VAL A 146 9.60 -25.34 -20.82
CA VAL A 146 8.91 -24.60 -19.79
C VAL A 146 8.50 -23.23 -20.30
N TRP A 147 9.34 -22.61 -21.13
CA TRP A 147 8.95 -21.29 -21.63
C TRP A 147 7.90 -21.42 -22.72
N GLU A 148 8.18 -22.22 -23.74
CA GLU A 148 7.19 -22.39 -24.79
C GLU A 148 5.90 -23.01 -24.26
N GLY A 149 5.99 -23.83 -23.22
CA GLY A 149 4.78 -24.49 -22.74
C GLY A 149 3.81 -23.53 -22.09
N TRP A 150 4.31 -22.73 -21.16
CA TRP A 150 3.46 -21.71 -20.55
C TRP A 150 2.90 -20.77 -21.58
N ARG A 151 3.72 -20.31 -22.52
CA ARG A 151 3.16 -19.48 -23.56
C ARG A 151 2.24 -20.26 -24.48
N SER A 152 2.39 -21.58 -24.57
CA SER A 152 1.45 -22.34 -25.37
C SER A 152 0.18 -22.68 -24.58
N GLU A 153 0.32 -23.25 -23.38
CA GLU A 153 -0.86 -23.76 -22.70
C GLU A 153 -1.69 -22.64 -22.12
N VAL A 154 -1.10 -21.72 -21.34
CA VAL A 154 -1.97 -20.69 -20.78
C VAL A 154 -2.10 -19.48 -21.71
N GLY A 155 -1.04 -19.06 -22.39
CA GLY A 155 -1.14 -17.85 -23.20
C GLY A 155 -2.23 -17.92 -24.25
N LYS A 156 -2.33 -19.04 -24.95
CA LYS A 156 -3.26 -19.17 -26.07
C LYS A 156 -4.71 -19.12 -25.59
N GLN A 157 -4.97 -19.71 -24.42
CA GLN A 157 -6.29 -19.62 -23.84
C GLN A 157 -6.65 -18.18 -23.50
N LEU A 158 -5.64 -17.37 -23.16
CA LEU A 158 -5.89 -16.00 -22.78
C LEU A 158 -6.05 -15.08 -23.98
N ARG A 159 -5.66 -15.50 -25.18
CA ARG A 159 -5.72 -14.61 -26.33
C ARG A 159 -7.13 -14.12 -26.63
N PRO A 160 -8.14 -14.98 -26.80
CA PRO A 160 -9.49 -14.46 -27.03
C PRO A 160 -9.99 -13.57 -25.90
N LEU A 161 -9.63 -13.89 -24.66
CA LEU A 161 -10.04 -13.03 -23.56
C LEU A 161 -9.39 -11.66 -23.66
N TYR A 162 -8.08 -11.60 -23.95
CA TYR A 162 -7.44 -10.28 -24.03
C TYR A 162 -8.16 -9.40 -25.06
N GLU A 163 -8.56 -9.97 -26.20
CA GLU A 163 -9.22 -9.20 -27.24
C GLU A 163 -10.54 -8.62 -26.73
N GLU A 164 -11.34 -9.45 -26.08
CA GLU A 164 -12.55 -8.96 -25.45
C GLU A 164 -12.22 -8.00 -24.32
N TYR A 165 -11.23 -8.32 -23.50
CA TYR A 165 -10.80 -7.40 -22.46
C TYR A 165 -10.54 -6.02 -23.06
N VAL A 166 -9.86 -5.98 -24.21
CA VAL A 166 -9.47 -4.70 -24.81
C VAL A 166 -10.71 -3.86 -25.12
N VAL A 167 -11.68 -4.43 -25.84
CA VAL A 167 -12.82 -3.62 -26.28
C VAL A 167 -13.55 -3.03 -25.09
N LEU A 168 -13.94 -3.86 -24.12
CA LEU A 168 -14.74 -3.37 -23.01
C LEU A 168 -13.98 -2.38 -22.16
N LYS A 169 -12.67 -2.54 -22.06
CA LYS A 169 -11.91 -1.59 -21.27
C LYS A 169 -11.78 -0.26 -22.00
N ASN A 170 -11.49 -0.33 -23.29
CA ASN A 170 -11.44 0.89 -24.09
C ASN A 170 -12.79 1.62 -24.06
N GLU A 171 -13.90 0.87 -24.18
CA GLU A 171 -15.22 1.46 -24.01
C GLU A 171 -15.34 2.14 -22.66
N MET A 172 -15.05 1.41 -21.58
CA MET A 172 -15.15 1.98 -20.23
C MET A 172 -14.38 3.29 -20.12
N ALA A 173 -13.17 3.34 -20.67
CA ALA A 173 -12.36 4.53 -20.53
C ALA A 173 -12.87 5.66 -21.41
N ARG A 174 -13.38 5.33 -22.60
CA ARG A 174 -14.05 6.32 -23.43
C ARG A 174 -15.17 7.02 -22.68
N ALA A 175 -16.01 6.25 -21.99
CA ALA A 175 -17.11 6.83 -21.21
C ALA A 175 -16.63 7.85 -20.18
N ASN A 176 -15.40 7.77 -19.70
CA ASN A 176 -14.89 8.68 -18.69
C ASN A 176 -13.98 9.77 -19.29
N ASN A 177 -14.20 10.09 -20.56
CA ASN A 177 -13.54 11.18 -21.28
C ASN A 177 -12.04 10.91 -21.43
N TYR A 178 -11.71 9.68 -21.82
CA TYR A 178 -10.33 9.23 -22.03
C TYR A 178 -10.21 8.65 -23.43
N GLU A 179 -9.04 8.85 -24.06
CA GLU A 179 -8.82 8.37 -25.42
C GLU A 179 -8.89 6.84 -25.49
N ASP A 180 -8.35 6.15 -24.48
CA ASP A 180 -8.36 4.69 -24.43
C ASP A 180 -7.97 4.27 -23.02
N TYR A 181 -8.03 2.96 -22.76
CA TYR A 181 -7.63 2.44 -21.46
C TYR A 181 -6.22 2.87 -21.10
N GLY A 182 -5.30 2.87 -22.08
CA GLY A 182 -3.95 3.36 -21.83
C GLY A 182 -3.94 4.79 -21.31
N ASP A 183 -4.73 5.66 -21.97
CA ASP A 183 -4.90 7.02 -21.49
C ASP A 183 -5.46 7.04 -20.08
N TYR A 184 -6.49 6.24 -19.83
CA TYR A 184 -7.03 6.10 -18.49
C TYR A 184 -5.92 5.73 -17.52
N TRP A 185 -5.11 4.70 -17.86
CA TRP A 185 -4.00 4.32 -16.98
C TRP A 185 -3.03 5.46 -16.78
N ARG A 186 -2.53 6.07 -17.87
CA ARG A 186 -1.59 7.16 -17.70
C ARG A 186 -2.19 8.30 -16.87
N GLY A 187 -3.51 8.47 -16.90
CA GLY A 187 -4.15 9.47 -16.06
C GLY A 187 -3.68 9.50 -14.60
N ASP A 188 -3.17 8.36 -14.11
CA ASP A 188 -2.71 8.31 -12.73
C ASP A 188 -1.67 9.39 -12.43
N TYR A 189 -0.84 9.73 -13.43
CA TYR A 189 0.20 10.72 -13.24
C TYR A 189 -0.30 12.14 -13.48
N GLU A 190 -1.54 12.30 -13.91
CA GLU A 190 -2.11 13.64 -14.05
C GLU A 190 -2.27 14.29 -12.68
N ALA A 191 -2.01 15.60 -12.64
CA ALA A 191 -2.14 16.35 -11.40
C ALA A 191 -2.34 17.83 -11.73
N GLU A 192 -3.36 18.44 -11.12
CA GLU A 192 -3.67 19.85 -11.33
C GLU A 192 -3.19 20.67 -10.14
N GLY A 193 -2.40 21.70 -10.42
CA GLY A 193 -2.19 22.75 -9.44
C GLY A 193 -2.29 24.14 -10.02
N ALA A 194 -2.20 24.26 -11.36
CA ALA A 194 -2.17 25.52 -12.09
C ALA A 194 -1.08 26.48 -11.60
N ASP A 195 0.00 25.95 -10.99
CA ASP A 195 1.06 26.77 -10.40
C ASP A 195 2.45 26.25 -10.75
N GLY A 196 2.60 25.61 -11.91
CA GLY A 196 3.85 24.99 -12.30
C GLY A 196 4.01 23.56 -11.82
N TYR A 197 3.08 23.07 -11.00
CA TYR A 197 3.03 21.69 -10.54
C TYR A 197 1.99 20.88 -11.31
N GLY A 198 1.45 21.42 -12.39
CA GLY A 198 0.50 20.67 -13.17
C GLY A 198 1.21 19.69 -14.07
N TYR A 199 0.57 18.55 -14.30
CA TYR A 199 1.15 17.55 -15.18
C TYR A 199 0.04 16.89 -15.99
N ASN A 200 0.18 16.95 -17.30
CA ASN A 200 -0.75 16.31 -18.22
C ASN A 200 -0.33 14.89 -18.54
N ARG A 201 -1.32 14.04 -18.83
CA ARG A 201 -1.08 12.66 -19.22
C ARG A 201 -0.09 12.57 -20.37
N ASN A 202 -0.23 13.45 -21.35
CA ASN A 202 0.54 13.22 -22.56
C ASN A 202 1.96 13.73 -22.45
N GLN A 203 2.34 14.29 -21.29
CA GLN A 203 3.75 14.48 -21.01
C GLN A 203 4.44 13.16 -20.70
N LEU A 204 3.69 12.17 -20.21
CA LEU A 204 4.30 10.97 -19.67
C LEU A 204 5.11 10.22 -20.73
N ILE A 205 4.50 9.88 -21.86
CA ILE A 205 5.23 9.10 -22.86
C ILE A 205 6.44 9.88 -23.34
N GLU A 206 6.34 11.20 -23.39
CA GLU A 206 7.53 11.98 -23.74
C GLU A 206 8.60 11.85 -22.66
N ASP A 207 8.20 11.90 -21.39
CA ASP A 207 9.17 11.83 -20.30
C ASP A 207 9.69 10.42 -20.09
N VAL A 208 8.89 9.40 -20.43
CA VAL A 208 9.39 8.04 -20.36
C VAL A 208 10.41 7.80 -21.45
N GLU A 209 10.08 8.20 -22.68
CA GLU A 209 11.00 8.01 -23.79
C GLU A 209 12.21 8.92 -23.67
N ARG A 210 12.06 10.06 -23.01
CA ARG A 210 13.20 10.92 -22.75
C ARG A 210 14.18 10.23 -21.82
N THR A 211 13.69 9.74 -20.66
CA THR A 211 14.61 9.12 -19.70
C THR A 211 15.17 7.83 -20.24
N PHE A 212 14.35 7.04 -20.93
CA PHE A 212 14.86 5.79 -21.47
C PHE A 212 16.04 6.04 -22.38
N ALA A 213 15.98 7.08 -23.20
CA ALA A 213 17.12 7.39 -24.05
C ALA A 213 18.39 7.60 -23.25
N GLU A 214 18.29 8.17 -22.05
CA GLU A 214 19.45 8.34 -21.19
C GLU A 214 19.92 7.01 -20.58
N ILE A 215 18.98 6.10 -20.31
CA ILE A 215 19.29 4.79 -19.72
C ILE A 215 19.87 3.83 -20.75
N LYS A 216 19.56 4.01 -22.03
CA LYS A 216 19.88 3.01 -23.03
C LYS A 216 21.37 2.66 -23.09
N PRO A 217 22.32 3.63 -23.06
CA PRO A 217 23.74 3.25 -23.10
C PRO A 217 24.05 2.23 -22.02
N LEU A 218 23.79 2.62 -20.78
CA LEU A 218 24.04 1.73 -19.66
C LEU A 218 23.44 0.37 -19.90
N TYR A 219 22.19 0.32 -20.34
CA TYR A 219 21.57 -0.98 -20.57
C TYR A 219 22.29 -1.74 -21.68
N GLU A 220 22.67 -1.05 -22.75
CA GLU A 220 23.32 -1.71 -23.87
C GLU A 220 24.62 -2.39 -23.42
N HIS A 221 25.38 -1.70 -22.57
CA HIS A 221 26.63 -2.26 -22.05
C HIS A 221 26.37 -3.39 -21.07
N LEU A 222 25.34 -3.26 -20.22
CA LEU A 222 24.99 -4.39 -19.37
C LEU A 222 24.53 -5.56 -20.19
N HIS A 223 24.06 -5.30 -21.39
CA HIS A 223 23.53 -6.37 -22.21
C HIS A 223 24.67 -7.14 -22.88
N ALA A 224 25.62 -6.42 -23.49
CA ALA A 224 26.75 -7.06 -24.14
C ALA A 224 27.61 -7.83 -23.13
N TYR A 225 27.84 -7.25 -21.95
CA TYR A 225 28.54 -7.99 -20.92
C TYR A 225 27.81 -9.29 -20.58
N VAL A 226 26.50 -9.20 -20.27
CA VAL A 226 25.77 -10.40 -19.90
C VAL A 226 25.74 -11.37 -21.06
N ARG A 227 25.73 -10.86 -22.29
CA ARG A 227 25.75 -11.77 -23.43
C ARG A 227 27.08 -12.52 -23.51
N ALA A 228 28.19 -11.84 -23.29
CA ALA A 228 29.48 -12.50 -23.30
C ALA A 228 29.51 -13.63 -22.28
N LYS A 229 29.17 -13.35 -21.02
CA LYS A 229 29.31 -14.42 -20.04
C LYS A 229 28.32 -15.55 -20.31
N LEU A 230 27.28 -15.29 -21.08
CA LEU A 230 26.30 -16.34 -21.29
C LEU A 230 26.67 -17.27 -22.43
N MET A 231 27.40 -16.78 -23.42
CA MET A 231 27.95 -17.69 -24.41
C MET A 231 28.87 -18.74 -23.79
N ASN A 232 29.44 -18.48 -22.60
CA ASN A 232 30.17 -19.56 -21.95
C ASN A 232 29.24 -20.70 -21.61
N THR A 233 28.03 -20.38 -21.14
CA THR A 233 27.12 -21.44 -20.72
C THR A 233 26.33 -22.02 -21.89
N TYR A 234 25.99 -21.21 -22.89
CA TYR A 234 25.24 -21.68 -24.06
C TYR A 234 25.98 -21.30 -25.34
N PRO A 235 27.20 -21.82 -25.56
CA PRO A 235 27.80 -21.68 -26.88
C PRO A 235 26.94 -22.39 -27.90
N SER A 236 26.92 -21.85 -29.12
CA SER A 236 26.14 -22.31 -30.25
C SER A 236 24.64 -21.93 -30.21
N TYR A 237 24.10 -21.41 -29.10
CA TYR A 237 22.72 -20.91 -29.13
C TYR A 237 22.64 -19.40 -29.08
N ILE A 238 23.60 -18.75 -28.44
CA ILE A 238 23.64 -17.30 -28.37
C ILE A 238 24.65 -16.81 -29.39
N SER A 239 24.19 -15.96 -30.31
CA SER A 239 25.14 -15.32 -31.21
C SER A 239 25.84 -14.18 -30.50
N PRO A 240 27.13 -13.97 -30.76
CA PRO A 240 27.83 -12.83 -30.15
C PRO A 240 27.23 -11.49 -30.54
N THR A 241 26.51 -11.42 -31.65
CA THR A 241 26.10 -10.16 -32.24
C THR A 241 24.59 -9.95 -32.17
N GLY A 242 23.86 -10.84 -31.51
CA GLY A 242 22.42 -10.81 -31.57
C GLY A 242 21.76 -10.73 -30.21
N CYS A 243 20.49 -11.14 -30.17
CA CYS A 243 19.64 -10.96 -29.01
C CYS A 243 19.79 -12.14 -28.06
N LEU A 244 19.49 -11.89 -26.80
CA LEU A 244 19.39 -12.98 -25.84
C LEU A 244 18.12 -13.78 -26.09
N PRO A 245 18.17 -15.10 -26.12
CA PRO A 245 16.94 -15.88 -26.10
C PRO A 245 16.09 -15.58 -24.87
N ALA A 246 14.79 -15.54 -25.09
CA ALA A 246 13.91 -15.05 -24.03
C ALA A 246 13.83 -16.04 -22.88
N HIS A 247 14.06 -17.32 -23.14
CA HIS A 247 13.91 -18.32 -22.10
C HIS A 247 15.15 -18.48 -21.23
N LEU A 248 16.13 -17.59 -21.36
CA LEU A 248 17.46 -17.82 -20.78
C LEU A 248 17.86 -16.74 -19.77
N LEU A 249 16.90 -16.13 -19.10
CA LEU A 249 17.18 -15.00 -18.23
C LEU A 249 16.81 -15.37 -16.80
N GLY A 250 16.78 -14.37 -15.92
CA GLY A 250 16.58 -14.65 -14.49
C GLY A 250 15.38 -15.55 -14.19
N ASP A 251 14.30 -15.41 -14.95
CA ASP A 251 12.98 -15.95 -14.59
C ASP A 251 12.24 -16.32 -15.87
N MET A 252 10.91 -16.37 -15.74
CA MET A 252 10.06 -16.89 -16.81
C MET A 252 9.97 -15.92 -17.99
N TRP A 253 10.09 -14.65 -17.75
CA TRP A 253 10.18 -13.62 -18.75
C TRP A 253 11.54 -13.01 -18.58
N GLY A 254 11.88 -12.02 -19.37
CA GLY A 254 13.17 -11.42 -19.03
C GLY A 254 13.05 -10.34 -17.99
N ARG A 255 12.14 -10.50 -17.01
CA ARG A 255 11.67 -9.34 -16.25
C ARG A 255 12.77 -8.80 -15.37
N PHE A 256 13.42 -9.67 -14.60
CA PHE A 256 14.64 -9.34 -13.87
C PHE A 256 15.72 -10.30 -14.32
N TRP A 257 16.94 -9.80 -14.33
CA TRP A 257 18.09 -10.61 -14.66
C TRP A 257 18.81 -11.12 -13.42
N THR A 258 18.13 -11.12 -12.27
CA THR A 258 18.80 -11.34 -10.99
C THR A 258 19.51 -12.69 -10.98
N ASN A 259 18.84 -13.75 -11.41
CA ASN A 259 19.37 -15.10 -11.37
C ASN A 259 20.35 -15.39 -12.49
N LEU A 260 20.82 -14.37 -13.17
CA LEU A 260 22.02 -14.53 -13.97
C LEU A 260 23.30 -14.14 -13.23
N TYR A 261 23.20 -13.79 -11.95
CA TYR A 261 24.38 -13.30 -11.24
C TYR A 261 25.42 -14.38 -11.10
N SER A 262 25.00 -15.56 -10.62
CA SER A 262 25.83 -16.75 -10.61
C SER A 262 26.68 -16.81 -11.87
N LEU A 263 26.06 -16.54 -13.03
CA LEU A 263 26.74 -16.68 -14.32
C LEU A 263 27.54 -15.46 -14.72
N THR A 264 27.28 -14.30 -14.14
CA THR A 264 27.82 -13.06 -14.67
C THR A 264 28.70 -12.33 -13.70
N VAL A 265 28.86 -12.87 -12.48
CA VAL A 265 29.58 -12.19 -11.42
C VAL A 265 30.95 -11.79 -11.92
N PRO A 266 31.30 -10.51 -11.83
CA PRO A 266 32.55 -10.05 -12.44
C PRO A 266 33.77 -10.74 -11.86
N PHE A 267 33.87 -10.81 -10.53
CA PHE A 267 35.01 -11.32 -9.81
C PHE A 267 34.55 -12.52 -8.98
N PRO A 268 34.62 -13.74 -9.56
CA PRO A 268 34.23 -14.93 -8.78
C PRO A 268 35.05 -15.10 -7.53
N GLU A 269 36.36 -14.80 -7.60
CA GLU A 269 37.29 -15.19 -6.53
C GLU A 269 37.20 -14.29 -5.31
N LYS A 270 36.53 -13.13 -5.40
CA LYS A 270 36.22 -12.42 -4.18
C LYS A 270 35.28 -13.30 -3.36
N PRO A 271 35.46 -13.35 -2.04
CA PRO A 271 34.50 -14.09 -1.20
C PRO A 271 33.10 -13.49 -1.40
N ASN A 272 32.10 -14.37 -1.50
CA ASN A 272 30.78 -13.85 -1.78
C ASN A 272 30.23 -13.10 -0.58
N ILE A 273 29.19 -12.30 -0.87
CA ILE A 273 28.60 -11.39 0.09
C ILE A 273 27.28 -11.91 0.65
N ASP A 274 26.86 -13.12 0.29
CA ASP A 274 25.50 -13.59 0.58
C ASP A 274 25.38 -14.05 2.04
N VAL A 275 24.60 -13.31 2.81
CA VAL A 275 24.54 -13.42 4.27
C VAL A 275 23.56 -14.51 4.68
N THR A 276 23.05 -15.26 3.71
CA THR A 276 21.96 -16.18 4.06
C THR A 276 22.44 -17.31 4.95
N ASP A 277 23.67 -17.81 4.72
CA ASP A 277 24.18 -18.90 5.55
C ASP A 277 24.39 -18.44 7.00
N ALA A 278 24.85 -17.20 7.19
CA ALA A 278 25.09 -16.69 8.53
C ALA A 278 23.83 -16.68 9.38
N MET A 279 22.67 -16.47 8.76
CA MET A 279 21.41 -16.50 9.48
C MET A 279 21.05 -17.92 9.89
N ILE A 280 21.21 -18.85 8.95
CA ILE A 280 21.01 -20.27 9.24
C ILE A 280 21.91 -20.70 10.39
N ASN A 281 23.20 -20.32 10.32
CA ASN A 281 24.13 -20.57 11.43
C ASN A 281 23.59 -20.01 12.74
N GLN A 282 23.14 -18.76 12.70
CA GLN A 282 22.77 -17.99 13.88
C GLN A 282 21.33 -18.24 14.34
N ASN A 283 20.59 -19.10 13.63
CA ASN A 283 19.20 -19.43 13.97
C ASN A 283 18.31 -18.18 13.91
N TRP A 284 18.50 -17.39 12.86
CA TRP A 284 17.49 -16.41 12.50
C TRP A 284 16.24 -17.14 12.05
N ASN A 285 15.08 -16.57 12.39
CA ASN A 285 13.79 -17.07 11.95
C ASN A 285 12.97 -15.88 11.46
N ALA A 286 11.78 -16.19 10.93
CA ALA A 286 10.97 -15.17 10.27
C ALA A 286 10.79 -13.94 11.14
N VAL A 287 10.42 -14.16 12.41
CA VAL A 287 10.15 -13.04 13.32
C VAL A 287 11.34 -12.11 13.39
N ARG A 288 12.54 -12.67 13.60
CA ARG A 288 13.71 -11.85 13.84
C ARG A 288 14.04 -10.97 12.64
N ILE A 289 13.87 -11.50 11.43
CA ILE A 289 14.09 -10.69 10.22
C ILE A 289 13.27 -9.40 10.28
N PHE A 290 11.98 -9.50 10.64
CA PHE A 290 11.15 -8.30 10.66
C PHE A 290 11.49 -7.41 11.85
N LYS A 291 11.77 -8.01 13.01
CA LYS A 291 12.25 -7.22 14.14
C LYS A 291 13.44 -6.35 13.72
N GLU A 292 14.32 -6.89 12.86
CA GLU A 292 15.47 -6.14 12.36
C GLU A 292 15.05 -5.01 11.43
N ALA A 293 14.19 -5.31 10.45
CA ALA A 293 13.69 -4.24 9.58
C ALA A 293 12.98 -3.17 10.40
N GLU A 294 12.27 -3.57 11.46
CA GLU A 294 11.71 -2.57 12.36
C GLU A 294 12.79 -1.66 12.91
N LYS A 295 13.90 -2.24 13.40
CA LYS A 295 14.99 -1.41 13.93
C LYS A 295 15.48 -0.42 12.88
N PHE A 296 15.54 -0.84 11.61
CA PHE A 296 16.00 0.06 10.57
C PHE A 296 15.16 1.32 10.54
N PHE A 297 13.83 1.16 10.47
CA PHE A 297 12.92 2.28 10.36
C PHE A 297 12.94 3.12 11.63
N VAL A 298 12.81 2.48 12.80
CA VAL A 298 12.89 3.18 14.08
C VAL A 298 14.11 4.10 14.11
N SER A 299 15.23 3.60 13.56
CA SER A 299 16.50 4.30 13.67
C SER A 299 16.50 5.60 12.89
N VAL A 300 15.72 5.68 11.81
CA VAL A 300 15.56 6.95 11.10
C VAL A 300 14.39 7.77 11.64
N GLY A 301 13.70 7.29 12.66
CA GLY A 301 12.65 8.06 13.29
C GLY A 301 11.24 7.73 12.87
N LEU A 302 11.05 6.76 11.99
CA LEU A 302 9.73 6.27 11.69
C LEU A 302 9.19 5.45 12.86
N PRO A 303 7.88 5.19 12.89
CA PRO A 303 7.31 4.46 14.03
C PRO A 303 7.72 2.99 13.99
N ASN A 304 7.55 2.33 15.14
CA ASN A 304 7.58 0.87 15.17
C ASN A 304 6.35 0.32 14.49
N MET A 305 6.23 -0.99 14.48
CA MET A 305 5.04 -1.59 13.90
C MET A 305 3.90 -1.60 14.92
N THR A 306 2.69 -1.89 14.46
CA THR A 306 1.60 -2.01 15.40
C THR A 306 1.57 -3.39 16.01
N GLN A 307 1.04 -3.47 17.23
CA GLN A 307 0.86 -4.78 17.87
C GLN A 307 0.05 -5.70 16.97
N GLY A 308 -0.98 -5.18 16.33
CA GLY A 308 -1.77 -6.02 15.43
C GLY A 308 -0.94 -6.55 14.28
N PHE A 309 -0.02 -5.74 13.76
CA PHE A 309 0.89 -6.22 12.73
C PHE A 309 1.57 -7.52 13.16
N TRP A 310 2.02 -7.59 14.40
CA TRP A 310 2.63 -8.82 14.85
C TRP A 310 1.60 -9.93 14.92
N GLU A 311 0.48 -9.70 15.59
CA GLU A 311 -0.40 -10.82 15.80
C GLU A 311 -1.21 -11.18 14.57
N ASN A 312 -1.56 -10.21 13.72
CA ASN A 312 -2.42 -10.51 12.58
C ASN A 312 -1.67 -10.84 11.31
N SER A 313 -0.37 -10.58 11.26
CA SER A 313 0.37 -10.87 10.04
C SER A 313 0.55 -12.37 9.87
N MET A 314 0.80 -12.76 8.63
CA MET A 314 1.30 -14.09 8.33
C MET A 314 2.73 -13.97 7.85
N LEU A 315 3.68 -14.44 8.67
CA LEU A 315 5.09 -14.46 8.30
C LEU A 315 5.53 -15.84 7.86
N THR A 316 5.20 -16.86 8.62
CA THR A 316 5.54 -18.22 8.23
C THR A 316 4.46 -18.77 7.29
N GLU A 317 4.87 -19.43 6.20
CA GLU A 317 3.90 -20.23 5.46
C GLU A 317 3.36 -21.31 6.38
N PRO A 318 2.05 -21.46 6.49
CA PRO A 318 1.51 -22.38 7.49
C PRO A 318 1.85 -23.82 7.18
N THR A 319 2.03 -24.59 8.24
CA THR A 319 2.06 -26.04 8.17
C THR A 319 0.72 -26.64 8.55
N ASP A 320 -0.33 -25.81 8.65
CA ASP A 320 -1.69 -26.26 8.92
C ASP A 320 -2.21 -27.22 7.86
N GLY A 321 -1.52 -27.36 6.73
CA GLY A 321 -2.18 -27.77 5.53
C GLY A 321 -3.08 -26.71 4.94
N ARG A 322 -3.37 -25.64 5.70
CA ARG A 322 -3.91 -24.41 5.16
C ARG A 322 -3.18 -24.05 3.87
N LYS A 323 -3.91 -23.97 2.78
CA LYS A 323 -3.27 -23.59 1.54
C LYS A 323 -3.42 -22.08 1.37
N VAL A 324 -2.37 -21.46 0.84
CA VAL A 324 -2.16 -20.03 0.99
C VAL A 324 -1.45 -19.49 -0.25
N VAL A 325 -1.75 -18.24 -0.62
CA VAL A 325 -0.99 -17.57 -1.68
C VAL A 325 0.26 -16.97 -1.06
N CYS A 326 1.44 -17.56 -1.38
CA CYS A 326 2.71 -17.23 -0.74
C CYS A 326 3.37 -15.98 -1.31
N HIS A 327 2.79 -15.37 -2.33
CA HIS A 327 3.37 -14.17 -2.93
C HIS A 327 3.28 -12.98 -1.98
N PRO A 328 4.38 -12.25 -1.73
CA PRO A 328 4.38 -11.22 -0.68
C PRO A 328 3.57 -9.99 -1.02
N THR A 329 2.88 -9.45 0.00
CA THR A 329 2.03 -8.28 -0.11
C THR A 329 1.98 -7.56 1.23
N ALA A 330 1.66 -6.27 1.18
CA ALA A 330 1.52 -5.42 2.37
C ALA A 330 0.14 -4.79 2.38
N TRP A 331 -0.63 -5.06 3.43
CA TRP A 331 -2.07 -4.80 3.48
C TRP A 331 -2.40 -3.59 4.34
N ASP A 332 -3.16 -2.64 3.76
CA ASP A 332 -3.80 -1.52 4.46
C ASP A 332 -5.29 -1.85 4.53
N LEU A 333 -5.75 -2.34 5.68
CA LEU A 333 -7.12 -2.82 5.82
C LEU A 333 -8.09 -1.76 6.39
N GLN A 334 -7.70 -0.50 6.40
CA GLN A 334 -8.48 0.71 6.63
C GLN A 334 -8.71 1.10 8.09
N LYS A 335 -8.32 0.30 9.08
CA LYS A 335 -8.80 0.62 10.42
C LYS A 335 -7.65 0.72 11.39
N GLY A 336 -6.51 1.22 10.91
CA GLY A 336 -5.28 1.07 11.65
C GLY A 336 -4.80 -0.35 11.75
N ASP A 337 -5.39 -1.25 10.97
CA ASP A 337 -5.06 -2.67 10.93
C ASP A 337 -4.10 -2.87 9.77
N PHE A 338 -2.82 -2.90 10.06
CA PHE A 338 -1.82 -3.13 9.05
C PHE A 338 -1.25 -4.52 9.22
N ARG A 339 -1.08 -5.22 8.10
CA ARG A 339 -0.48 -6.55 8.10
C ARG A 339 0.36 -6.75 6.84
N ILE A 340 1.28 -7.72 6.92
CA ILE A 340 2.08 -8.20 5.79
C ILE A 340 1.84 -9.70 5.64
N LYS A 341 1.69 -10.14 4.40
CA LYS A 341 1.35 -11.53 4.04
C LYS A 341 2.51 -12.08 3.22
N MET A 342 3.40 -12.86 3.86
CA MET A 342 4.63 -13.33 3.19
C MET A 342 5.04 -14.69 3.72
N CYS A 343 5.40 -15.60 2.82
CA CYS A 343 6.00 -16.88 3.20
C CYS A 343 7.51 -16.67 3.26
N THR A 344 7.96 -16.12 4.39
CA THR A 344 9.32 -15.59 4.49
C THR A 344 10.26 -16.70 4.95
N LYS A 345 11.13 -17.14 4.06
CA LYS A 345 12.15 -18.12 4.34
C LYS A 345 13.43 -17.40 4.79
N VAL A 346 14.31 -18.14 5.45
CA VAL A 346 15.48 -17.54 6.14
C VAL A 346 16.58 -17.42 5.09
N THR A 347 16.53 -16.34 4.30
CA THR A 347 17.57 -16.06 3.31
C THR A 347 17.96 -14.58 3.37
N MET A 348 18.95 -14.21 2.58
CA MET A 348 19.28 -12.80 2.40
C MET A 348 18.26 -12.11 1.51
N ASP A 349 17.80 -12.80 0.46
CA ASP A 349 16.85 -12.15 -0.43
C ASP A 349 15.51 -11.88 0.25
N ASN A 350 15.07 -12.78 1.12
CA ASN A 350 13.84 -12.52 1.85
C ASN A 350 14.05 -11.39 2.87
N PHE A 351 15.11 -11.47 3.67
CA PHE A 351 15.52 -10.36 4.55
C PHE A 351 15.42 -9.03 3.82
N LEU A 352 15.92 -8.98 2.58
CA LEU A 352 15.88 -7.74 1.82
C LEU A 352 14.47 -7.36 1.40
N THR A 353 13.63 -8.34 1.05
CA THR A 353 12.27 -8.00 0.63
C THR A 353 11.40 -7.58 1.81
N ALA A 354 11.59 -8.23 2.97
CA ALA A 354 10.90 -7.83 4.19
C ALA A 354 11.18 -6.38 4.55
N HIS A 355 12.38 -5.88 4.24
CA HIS A 355 12.63 -4.45 4.31
C HIS A 355 11.79 -3.70 3.26
N HIS A 356 11.63 -4.28 2.07
CA HIS A 356 10.85 -3.63 1.03
C HIS A 356 9.39 -3.56 1.42
N GLU A 357 8.85 -4.69 1.86
CA GLU A 357 7.42 -4.79 2.09
C GLU A 357 7.00 -4.04 3.36
N MET A 358 7.83 -4.07 4.40
CA MET A 358 7.60 -3.14 5.51
C MET A 358 7.77 -1.69 5.09
N GLY A 359 8.45 -1.42 3.98
CA GLY A 359 8.41 -0.06 3.44
C GLY A 359 7.00 0.38 3.13
N HIS A 360 6.21 -0.51 2.52
CA HIS A 360 4.84 -0.18 2.16
C HIS A 360 3.97 0.08 3.39
N ILE A 361 4.13 -0.78 4.41
CA ILE A 361 3.37 -0.59 5.65
C ILE A 361 3.65 0.78 6.25
N GLN A 362 4.90 1.20 6.25
CA GLN A 362 5.22 2.52 6.79
C GLN A 362 4.50 3.61 6.01
N TYR A 363 4.42 3.47 4.70
CA TYR A 363 3.75 4.47 3.87
C TYR A 363 2.25 4.45 4.10
N ASP A 364 1.69 3.26 4.36
CA ASP A 364 0.29 3.20 4.75
C ASP A 364 0.08 3.90 6.09
N MET A 365 0.85 3.52 7.11
CA MET A 365 0.75 4.20 8.39
C MET A 365 0.94 5.70 8.27
N ALA A 366 1.76 6.14 7.32
CA ALA A 366 2.18 7.53 7.30
C ALA A 366 1.08 8.48 6.83
N TYR A 367 0.09 8.00 6.07
CA TYR A 367 -0.89 8.92 5.51
C TYR A 367 -2.32 8.66 5.97
N ALA A 368 -2.51 7.88 7.04
CA ALA A 368 -3.85 7.61 7.54
C ALA A 368 -4.53 8.86 8.07
N MET A 369 -3.77 9.94 8.32
CA MET A 369 -4.37 11.21 8.68
C MET A 369 -5.17 11.82 7.55
N GLN A 370 -5.27 11.15 6.42
CA GLN A 370 -5.92 11.71 5.25
C GLN A 370 -7.34 11.17 5.09
N PRO A 371 -8.20 11.92 4.42
CA PRO A 371 -9.48 11.35 4.00
C PRO A 371 -9.25 10.14 3.09
N TYR A 372 -10.15 9.16 3.19
CA TYR A 372 -9.94 7.86 2.57
C TYR A 372 -9.48 7.99 1.12
N LEU A 373 -10.14 8.89 0.37
CA LEU A 373 -9.84 9.08 -1.04
C LEU A 373 -8.43 9.55 -1.29
N LEU A 374 -7.74 10.02 -0.25
CA LEU A 374 -6.38 10.49 -0.39
C LEU A 374 -5.35 9.56 0.26
N ARG A 375 -5.78 8.45 0.87
CA ARG A 375 -4.88 7.43 1.42
C ARG A 375 -4.32 6.62 0.27
N ASN A 376 -3.23 7.11 -0.32
CA ASN A 376 -2.54 6.44 -1.42
C ASN A 376 -1.24 7.18 -1.68
N GLY A 377 -0.39 6.58 -2.51
CA GLY A 377 0.85 7.22 -2.89
C GLY A 377 0.62 8.30 -3.93
N ALA A 378 1.50 9.31 -3.92
CA ALA A 378 1.27 10.51 -4.72
C ALA A 378 1.02 10.18 -6.20
N ASN A 379 1.73 9.19 -6.75
CA ASN A 379 1.28 8.50 -7.95
C ASN A 379 1.57 7.01 -7.75
N GLU A 380 1.19 6.19 -8.73
CA GLU A 380 1.41 4.75 -8.60
C GLU A 380 2.91 4.39 -8.49
N GLY A 381 3.80 5.28 -8.92
CA GLY A 381 5.23 5.02 -8.78
C GLY A 381 5.78 5.18 -7.38
N PHE A 382 5.06 5.89 -6.50
CA PHE A 382 5.66 6.29 -5.23
C PHE A 382 5.74 5.15 -4.20
N HIS A 383 4.81 4.19 -4.21
CA HIS A 383 4.83 3.17 -3.17
C HIS A 383 5.99 2.19 -3.37
N GLU A 384 6.17 1.72 -4.60
CA GLU A 384 7.29 0.83 -4.87
C GLU A 384 8.62 1.56 -4.73
N ALA A 385 8.69 2.83 -5.13
CA ALA A 385 9.91 3.59 -4.88
C ALA A 385 10.24 3.63 -3.39
N VAL A 386 9.22 3.78 -2.53
CA VAL A 386 9.47 3.92 -1.11
C VAL A 386 9.96 2.62 -0.49
N GLY A 387 9.53 1.47 -1.01
CA GLY A 387 10.00 0.20 -0.46
C GLY A 387 11.41 -0.18 -0.91
N GLU A 388 11.79 0.20 -2.13
CA GLU A 388 13.13 -0.08 -2.62
C GLU A 388 14.17 0.83 -2.00
N ILE A 389 13.79 2.08 -1.72
CA ILE A 389 14.66 2.97 -0.95
C ILE A 389 15.19 2.23 0.28
N MET A 390 14.33 1.43 0.91
CA MET A 390 14.76 0.65 2.05
C MET A 390 15.80 -0.38 1.66
N SER A 391 15.61 -1.06 0.53
CA SER A 391 16.54 -2.12 0.21
C SER A 391 17.88 -1.56 -0.27
N LEU A 392 17.89 -0.37 -0.87
CA LEU A 392 19.14 0.27 -1.23
C LEU A 392 20.06 0.39 -0.02
N SER A 393 19.53 0.84 1.11
CA SER A 393 20.39 1.02 2.26
C SER A 393 20.66 -0.30 2.96
N ALA A 394 19.68 -1.19 3.02
CA ALA A 394 19.92 -2.39 3.81
C ALA A 394 20.70 -3.45 3.06
N SER A 395 20.98 -3.26 1.78
CA SER A 395 21.79 -4.24 1.06
C SER A 395 23.27 -3.84 0.96
N THR A 396 23.62 -2.61 1.35
CA THR A 396 25.00 -2.19 1.33
C THR A 396 25.83 -3.02 2.30
N PRO A 397 27.11 -3.25 2.00
CA PRO A 397 27.98 -4.00 2.93
C PRO A 397 28.12 -3.30 4.25
N LYS A 398 28.11 -1.97 4.23
CA LYS A 398 28.18 -1.20 5.46
C LYS A 398 27.04 -1.56 6.39
N HIS A 399 25.82 -1.69 5.85
CA HIS A 399 24.68 -2.09 6.68
C HIS A 399 24.80 -3.54 7.11
N LEU A 400 25.10 -4.43 6.18
CA LEU A 400 25.16 -5.86 6.49
C LEU A 400 26.18 -6.15 7.60
N LYS A 401 27.28 -5.41 7.64
CA LYS A 401 28.21 -5.56 8.74
C LYS A 401 27.53 -5.20 10.06
N SER A 402 27.19 -3.92 10.20
CA SER A 402 26.72 -3.35 11.47
C SER A 402 25.64 -4.21 12.11
N ILE A 403 24.50 -4.33 11.45
CA ILE A 403 23.42 -5.04 12.13
C ILE A 403 23.21 -6.35 11.40
N GLY A 404 23.94 -7.36 11.85
CA GLY A 404 23.95 -8.65 11.22
C GLY A 404 25.35 -9.15 10.99
N LEU A 405 25.48 -10.04 10.02
CA LEU A 405 26.58 -10.98 9.98
C LEU A 405 27.23 -11.01 8.60
N LEU A 406 27.56 -9.83 8.09
CA LEU A 406 28.85 -9.80 7.43
C LEU A 406 29.94 -9.76 8.50
N PRO A 407 31.09 -10.40 8.26
CA PRO A 407 32.01 -10.72 9.35
C PRO A 407 32.70 -9.51 9.98
N SER A 408 32.72 -8.35 9.32
CA SER A 408 33.34 -7.13 9.88
C SER A 408 34.85 -7.23 9.78
N ASP A 409 35.34 -8.41 9.46
CA ASP A 409 36.66 -8.60 8.90
C ASP A 409 36.60 -8.57 7.38
N PHE A 410 35.60 -7.90 6.82
CA PHE A 410 35.26 -8.01 5.41
C PHE A 410 35.99 -6.94 4.60
N ARG A 411 36.64 -7.36 3.53
CA ARG A 411 37.37 -6.45 2.66
C ARG A 411 36.41 -5.86 1.65
N GLU A 412 36.29 -4.54 1.64
CA GLU A 412 35.36 -3.84 0.78
C GLU A 412 36.20 -2.94 -0.14
N ASP A 413 36.54 -3.46 -1.30
CA ASP A 413 37.46 -2.84 -2.25
C ASP A 413 36.76 -2.64 -3.59
N ASN A 414 37.50 -2.12 -4.58
CA ASN A 414 36.90 -1.81 -5.87
C ASN A 414 36.31 -3.06 -6.52
N GLU A 415 36.86 -4.24 -6.23
CA GLU A 415 36.38 -5.47 -6.87
C GLU A 415 35.03 -5.95 -6.30
N THR A 416 34.79 -5.79 -4.99
CA THR A 416 33.47 -6.17 -4.47
C THR A 416 32.43 -5.14 -4.85
N GLU A 417 32.83 -3.87 -4.95
CA GLU A 417 31.88 -2.84 -5.35
C GLU A 417 31.35 -3.11 -6.75
N ILE A 418 32.23 -3.47 -7.68
CA ILE A 418 31.75 -3.86 -9.00
C ILE A 418 30.87 -5.10 -8.90
N ASN A 419 31.22 -6.03 -8.02
CA ASN A 419 30.38 -7.21 -7.83
C ASN A 419 28.97 -6.81 -7.41
N PHE A 420 28.88 -5.85 -6.48
CA PHE A 420 27.60 -5.40 -5.95
C PHE A 420 26.79 -4.70 -7.02
N LEU A 421 27.40 -3.73 -7.71
CA LEU A 421 26.68 -2.99 -8.75
C LEU A 421 26.17 -3.92 -9.83
N LEU A 422 26.99 -4.84 -10.31
CA LEU A 422 26.48 -5.78 -11.31
C LEU A 422 25.26 -6.52 -10.80
N LYS A 423 25.29 -6.95 -9.54
CA LYS A 423 24.12 -7.60 -8.98
C LYS A 423 22.94 -6.66 -9.02
N GLN A 424 23.16 -5.39 -8.66
CA GLN A 424 22.08 -4.40 -8.73
C GLN A 424 21.56 -4.24 -10.16
N ALA A 425 22.45 -4.00 -11.11
CA ALA A 425 22.02 -3.70 -12.47
C ALA A 425 21.21 -4.85 -13.05
N LEU A 426 21.62 -6.09 -12.80
CA LEU A 426 20.86 -7.22 -13.31
C LEU A 426 19.39 -7.12 -12.94
N THR A 427 19.10 -6.71 -11.71
CA THR A 427 17.70 -6.72 -11.32
C THR A 427 17.01 -5.41 -11.65
N ILE A 428 17.68 -4.29 -11.40
CA ILE A 428 17.14 -2.95 -11.57
C ILE A 428 17.31 -2.41 -12.99
N VAL A 429 18.54 -2.35 -13.50
CA VAL A 429 18.70 -1.81 -14.86
C VAL A 429 18.18 -2.78 -15.90
N GLY A 430 18.16 -4.08 -15.61
CA GLY A 430 17.67 -5.02 -16.59
C GLY A 430 16.19 -4.87 -16.79
N THR A 431 15.47 -4.60 -15.71
CA THR A 431 14.01 -4.51 -15.77
C THR A 431 13.55 -3.29 -16.52
N LEU A 432 14.35 -2.21 -16.61
CA LEU A 432 13.85 -0.99 -17.25
C LEU A 432 13.44 -1.20 -18.70
N PRO A 433 14.29 -1.72 -19.58
CA PRO A 433 13.78 -1.98 -20.95
C PRO A 433 12.61 -2.94 -20.97
N PHE A 434 12.63 -3.98 -20.15
CA PHE A 434 11.59 -4.98 -20.20
C PHE A 434 10.23 -4.37 -19.86
N THR A 435 10.23 -3.35 -19.01
CA THR A 435 9.02 -2.75 -18.50
C THR A 435 8.49 -1.68 -19.44
N TYR A 436 9.36 -0.81 -19.91
CA TYR A 436 8.95 0.19 -20.87
C TYR A 436 8.46 -0.44 -22.16
N MET A 437 9.12 -1.48 -22.64
CA MET A 437 8.64 -2.12 -23.87
C MET A 437 7.28 -2.77 -23.66
N LEU A 438 6.97 -3.22 -22.45
CA LEU A 438 5.70 -3.86 -22.26
C LEU A 438 4.56 -2.83 -22.28
N GLU A 439 4.72 -1.71 -21.58
CA GLU A 439 3.68 -0.70 -21.62
C GLU A 439 3.61 -0.03 -22.98
N LYS A 440 4.72 0.07 -23.69
CA LYS A 440 4.62 0.63 -25.03
C LYS A 440 3.84 -0.28 -25.95
N TRP A 441 3.81 -1.58 -25.68
CA TRP A 441 2.92 -2.45 -26.41
C TRP A 441 1.47 -2.17 -26.04
N ARG A 442 1.14 -2.34 -24.77
CA ARG A 442 -0.21 -2.16 -24.28
C ARG A 442 -0.78 -0.80 -24.69
N TRP A 443 -0.03 0.27 -24.43
CA TRP A 443 -0.45 1.58 -24.88
C TRP A 443 -0.77 1.57 -26.36
N MET A 444 0.07 0.93 -27.16
CA MET A 444 -0.20 0.89 -28.59
C MET A 444 -1.44 0.06 -28.89
N VAL A 445 -1.60 -1.06 -28.18
CA VAL A 445 -2.74 -1.93 -28.40
C VAL A 445 -4.04 -1.21 -28.07
N PHE A 446 -4.04 -0.47 -26.96
CA PHE A 446 -5.22 0.28 -26.56
C PHE A 446 -5.51 1.43 -27.51
N LYS A 447 -4.46 2.04 -28.06
CA LYS A 447 -4.61 3.12 -29.02
C LYS A 447 -4.97 2.62 -30.42
N GLY A 448 -4.99 1.31 -30.66
CA GLY A 448 -5.26 0.80 -31.98
C GLY A 448 -4.12 0.89 -32.96
N GLU A 449 -2.92 1.28 -32.53
CA GLU A 449 -1.79 1.35 -33.45
C GLU A 449 -1.34 -0.05 -33.92
N ILE A 450 -1.76 -1.09 -33.22
CA ILE A 450 -1.43 -2.48 -33.58
C ILE A 450 -2.69 -3.28 -33.82
N PRO A 451 -2.96 -3.71 -35.06
CA PRO A 451 -4.11 -4.57 -35.29
C PRO A 451 -3.94 -5.90 -34.59
N LYS A 452 -5.08 -6.48 -34.19
CA LYS A 452 -5.05 -7.78 -33.56
C LYS A 452 -4.37 -8.83 -34.43
N ASP A 453 -4.35 -8.62 -35.75
CA ASP A 453 -3.67 -9.55 -36.65
C ASP A 453 -2.15 -9.41 -36.61
N GLN A 454 -1.61 -8.44 -35.84
CA GLN A 454 -0.17 -8.27 -35.71
C GLN A 454 0.27 -8.05 -34.26
N TRP A 455 -0.46 -8.60 -33.30
CA TRP A 455 -0.11 -8.43 -31.90
C TRP A 455 1.23 -9.09 -31.60
N MET A 456 1.31 -10.39 -31.84
CA MET A 456 2.57 -11.08 -31.61
C MET A 456 3.63 -10.60 -32.59
N LYS A 457 3.27 -10.43 -33.86
CA LYS A 457 4.21 -9.89 -34.82
C LYS A 457 4.83 -8.60 -34.30
N LYS A 458 4.04 -7.74 -33.68
CA LYS A 458 4.63 -6.49 -33.22
C LYS A 458 5.17 -6.57 -31.80
N TRP A 459 4.72 -7.54 -30.99
CA TRP A 459 5.36 -7.73 -29.69
C TRP A 459 6.80 -8.18 -29.85
N TRP A 460 7.03 -9.31 -30.53
CA TRP A 460 8.37 -9.86 -30.64
C TRP A 460 9.31 -8.90 -31.36
N GLU A 461 8.83 -8.30 -32.44
CA GLU A 461 9.60 -7.24 -33.07
C GLU A 461 10.03 -6.19 -32.06
N MET A 462 9.11 -5.71 -31.21
CA MET A 462 9.50 -4.74 -30.20
C MET A 462 10.47 -5.33 -29.17
N LYS A 463 10.23 -6.57 -28.74
CA LYS A 463 11.18 -7.20 -27.84
C LYS A 463 12.59 -7.15 -28.44
N ARG A 464 12.72 -7.56 -29.71
CA ARG A 464 14.00 -7.60 -30.39
C ARG A 464 14.63 -6.23 -30.52
N GLU A 465 13.85 -5.18 -30.52
CA GLU A 465 14.39 -3.88 -30.87
C GLU A 465 14.84 -3.09 -29.67
N ILE A 466 14.22 -3.37 -28.52
CA ILE A 466 14.26 -2.50 -27.36
C ILE A 466 14.88 -3.19 -26.17
N VAL A 467 14.57 -4.48 -25.99
CA VAL A 467 15.12 -5.27 -24.91
C VAL A 467 16.30 -6.12 -25.39
N GLY A 468 16.58 -6.11 -26.69
CA GLY A 468 17.56 -7.02 -27.24
C GLY A 468 17.27 -8.46 -26.88
N VAL A 469 16.01 -8.82 -26.81
CA VAL A 469 15.60 -10.18 -26.48
C VAL A 469 14.77 -10.72 -27.65
N MET A 470 14.86 -12.03 -27.87
CA MET A 470 14.24 -12.67 -29.03
C MET A 470 13.60 -13.98 -28.59
N GLU A 471 12.84 -14.54 -29.48
CA GLU A 471 12.08 -15.65 -28.98
C GLU A 471 12.62 -16.96 -29.54
N PRO A 472 12.68 -18.03 -28.75
CA PRO A 472 13.15 -19.33 -29.28
C PRO A 472 12.34 -19.81 -30.46
N VAL A 473 11.05 -20.05 -30.25
CA VAL A 473 10.20 -20.60 -31.30
C VAL A 473 9.35 -19.48 -31.89
N PRO A 474 9.01 -19.52 -33.17
CA PRO A 474 8.21 -18.43 -33.75
C PRO A 474 6.74 -18.53 -33.34
N HIS A 475 6.14 -17.37 -33.04
CA HIS A 475 4.79 -17.30 -32.51
C HIS A 475 3.90 -16.52 -33.46
N ASP A 476 2.82 -17.18 -33.92
CA ASP A 476 1.79 -16.50 -34.70
C ASP A 476 0.75 -15.86 -33.78
N GLU A 477 -0.26 -15.27 -34.40
CA GLU A 477 -1.26 -14.51 -33.63
C GLU A 477 -2.13 -15.38 -32.75
N THR A 478 -1.94 -16.69 -32.71
CA THR A 478 -2.67 -17.50 -31.74
C THR A 478 -2.09 -17.42 -30.33
N TYR A 479 -0.83 -17.03 -30.18
CA TYR A 479 -0.31 -16.85 -28.83
C TYR A 479 -0.74 -15.49 -28.30
N CYS A 480 -0.70 -15.35 -26.98
CA CYS A 480 -0.84 -14.04 -26.38
C CYS A 480 0.24 -13.89 -25.31
N ASP A 481 1.48 -13.73 -25.76
CA ASP A 481 2.61 -13.85 -24.85
C ASP A 481 2.56 -12.84 -23.70
N PRO A 482 2.24 -11.56 -23.92
CA PRO A 482 2.18 -10.64 -22.77
C PRO A 482 1.17 -11.08 -21.74
N ALA A 483 0.13 -11.78 -22.16
CA ALA A 483 -0.92 -12.18 -21.21
C ALA A 483 -0.40 -13.14 -20.17
N ALA A 484 0.80 -13.70 -20.40
CA ALA A 484 1.35 -14.73 -19.54
C ALA A 484 2.25 -14.17 -18.44
N LEU A 485 2.31 -12.85 -18.29
CA LEU A 485 2.81 -12.21 -17.09
C LEU A 485 1.63 -11.83 -16.20
N TYR A 486 1.83 -11.92 -14.88
CA TYR A 486 0.73 -11.75 -13.94
C TYR A 486 0.00 -10.43 -14.15
N HIS A 487 0.77 -9.34 -14.21
CA HIS A 487 0.16 -8.01 -14.22
C HIS A 487 -0.67 -7.80 -15.45
N VAL A 488 -0.31 -8.42 -16.56
CA VAL A 488 -1.05 -8.19 -17.79
C VAL A 488 -2.41 -8.89 -17.74
N SER A 489 -2.42 -10.15 -17.34
CA SER A 489 -3.67 -10.90 -17.30
C SER A 489 -4.49 -10.61 -16.04
N ASN A 490 -3.90 -9.97 -15.04
CA ASN A 490 -4.64 -9.49 -13.88
C ASN A 490 -4.89 -7.99 -13.96
N ASP A 491 -4.79 -7.42 -15.14
CA ASP A 491 -5.24 -6.06 -15.37
C ASP A 491 -4.60 -5.09 -14.38
N PHE A 492 -3.27 -5.01 -14.45
CA PHE A 492 -2.48 -4.08 -13.64
C PHE A 492 -1.64 -3.18 -14.53
N SER A 493 -1.77 -1.87 -14.30
CA SER A 493 -0.85 -0.91 -14.89
C SER A 493 0.57 -1.31 -14.58
N PHE A 494 1.48 -1.09 -15.53
CA PHE A 494 2.84 -1.61 -15.39
C PHE A 494 3.93 -0.54 -15.43
N ILE A 495 3.70 0.61 -16.06
CA ILE A 495 4.75 1.59 -16.16
C ILE A 495 5.20 2.08 -14.79
N ARG A 496 4.45 1.74 -13.75
CA ARG A 496 4.81 2.12 -12.38
C ARG A 496 6.18 1.57 -12.01
N TYR A 497 6.50 0.35 -12.43
CA TYR A 497 7.79 -0.25 -12.10
C TYR A 497 8.96 0.47 -12.78
N TYR A 498 8.71 1.17 -13.88
CA TYR A 498 9.68 2.08 -14.48
C TYR A 498 9.79 3.36 -13.67
N THR A 499 8.69 4.09 -13.51
CA THR A 499 8.73 5.36 -12.80
C THR A 499 9.21 5.17 -11.37
N ARG A 500 8.82 4.05 -10.75
CA ARG A 500 9.39 3.71 -9.44
C ARG A 500 10.91 3.72 -9.50
N THR A 501 11.45 3.11 -10.55
CA THR A 501 12.89 2.89 -10.60
C THR A 501 13.64 4.22 -10.66
N ILE A 502 13.12 5.20 -11.41
CA ILE A 502 13.84 6.47 -11.47
C ILE A 502 13.68 7.22 -10.17
N TYR A 503 12.53 7.07 -9.53
CA TYR A 503 12.27 7.80 -8.29
C TYR A 503 13.27 7.38 -7.22
N GLN A 504 13.50 6.06 -7.10
CA GLN A 504 14.38 5.46 -6.10
C GLN A 504 15.62 6.30 -5.94
N PHE A 505 16.32 6.49 -7.04
CA PHE A 505 17.62 7.12 -6.98
C PHE A 505 17.50 8.61 -6.74
N GLN A 506 16.39 9.23 -7.15
CA GLN A 506 16.18 10.63 -6.80
C GLN A 506 16.05 10.80 -5.30
N PHE A 507 15.22 9.97 -4.68
CA PHE A 507 15.11 9.92 -3.23
C PHE A 507 16.46 9.62 -2.57
N GLN A 508 17.00 8.42 -2.82
CA GLN A 508 18.16 7.98 -2.07
C GLN A 508 19.30 8.98 -2.18
N GLU A 509 19.41 9.68 -3.30
CA GLU A 509 20.42 10.72 -3.40
C GLU A 509 20.15 11.83 -2.40
N ALA A 510 18.98 12.46 -2.50
CA ALA A 510 18.65 13.58 -1.62
C ALA A 510 18.57 13.14 -0.16
N LEU A 511 17.98 11.97 0.08
CA LEU A 511 17.92 11.43 1.43
C LEU A 511 19.32 11.22 2.02
N CYS A 512 20.22 10.57 1.26
CA CYS A 512 21.58 10.36 1.74
C CYS A 512 22.29 11.68 2.00
N GLN A 513 22.05 12.69 1.16
CA GLN A 513 22.61 14.02 1.40
C GLN A 513 22.10 14.62 2.71
N ALA A 514 20.87 14.29 3.11
CA ALA A 514 20.41 14.76 4.41
C ALA A 514 21.06 13.98 5.54
N ALA A 515 21.37 12.71 5.31
CA ALA A 515 22.17 11.92 6.23
C ALA A 515 23.68 12.26 6.16
N LYS A 516 24.05 13.27 5.38
CA LYS A 516 25.42 13.74 5.26
C LYS A 516 26.39 12.64 4.82
N HIS A 517 25.90 11.55 4.21
CA HIS A 517 26.76 10.54 3.64
C HIS A 517 27.70 11.16 2.62
N GLU A 518 28.95 10.72 2.65
CA GLU A 518 29.98 11.17 1.72
C GLU A 518 30.47 9.98 0.91
N GLY A 519 30.89 10.27 -0.32
CA GLY A 519 31.39 9.24 -1.20
C GLY A 519 30.32 8.61 -2.06
N PRO A 520 30.60 7.42 -2.57
CA PRO A 520 29.72 6.80 -3.56
C PRO A 520 28.30 6.67 -3.04
N LEU A 521 27.35 7.07 -3.89
CA LEU A 521 25.95 7.01 -3.48
C LEU A 521 25.54 5.58 -3.17
N HIS A 522 26.21 4.60 -3.76
CA HIS A 522 25.74 3.23 -3.65
C HIS A 522 26.22 2.54 -2.38
N LYS A 523 27.17 3.12 -1.65
CA LYS A 523 27.54 2.60 -0.34
C LYS A 523 26.81 3.33 0.76
N CYS A 524 25.84 4.18 0.40
CA CYS A 524 25.08 4.93 1.39
C CYS A 524 24.06 4.06 2.11
N ASP A 525 24.12 4.11 3.44
CA ASP A 525 23.13 3.51 4.32
C ASP A 525 22.58 4.65 5.16
N ILE A 526 21.24 4.75 5.21
CA ILE A 526 20.62 5.88 5.90
C ILE A 526 20.42 5.63 7.38
N SER A 527 20.69 4.42 7.85
CA SER A 527 20.37 4.06 9.22
C SER A 527 20.94 5.08 10.20
N ASN A 528 20.24 5.26 11.33
CA ASN A 528 20.60 6.18 12.41
C ASN A 528 20.44 7.65 12.04
N SER A 529 19.85 7.96 10.89
CA SER A 529 19.63 9.35 10.46
C SER A 529 18.16 9.72 10.67
N THR A 530 17.86 10.34 11.81
CA THR A 530 16.55 10.93 11.98
C THR A 530 16.34 12.08 11.00
N GLU A 531 17.42 12.71 10.54
CA GLU A 531 17.29 13.84 9.62
C GLU A 531 16.70 13.38 8.28
N ALA A 532 17.28 12.32 7.71
CA ALA A 532 16.75 11.79 6.45
C ALA A 532 15.37 11.20 6.62
N GLY A 533 15.07 10.60 7.79
CA GLY A 533 13.75 10.01 7.98
C GLY A 533 12.65 11.06 7.98
N GLN A 534 12.87 12.16 8.70
CA GLN A 534 11.92 13.25 8.71
C GLN A 534 11.69 13.79 7.31
N LYS A 535 12.76 13.89 6.52
CA LYS A 535 12.64 14.37 5.15
C LYS A 535 11.71 13.48 4.34
N LEU A 536 11.83 12.17 4.50
CA LEU A 536 10.95 11.25 3.80
C LEU A 536 9.59 11.19 4.46
N LEU A 537 9.55 11.25 5.78
CA LEU A 537 8.28 11.11 6.48
C LEU A 537 7.32 12.26 6.13
N ASN A 538 7.83 13.45 5.81
CA ASN A 538 6.96 14.56 5.45
C ASN A 538 6.11 14.24 4.22
N MET A 539 6.75 13.69 3.18
CA MET A 539 6.04 13.50 1.91
C MET A 539 5.11 12.30 1.97
N LEU A 540 5.51 11.24 2.67
CA LEU A 540 4.62 10.10 2.82
C LEU A 540 3.30 10.55 3.41
N ARG A 541 3.39 11.35 4.48
CA ARG A 541 2.21 11.85 5.17
C ARG A 541 1.26 12.53 4.21
N LEU A 542 1.80 13.20 3.19
CA LEU A 542 0.94 13.93 2.25
C LEU A 542 -0.02 13.01 1.51
N GLY A 543 0.32 11.73 1.35
CA GLY A 543 -0.49 10.88 0.51
C GLY A 543 -0.77 11.52 -0.83
N LYS A 544 -1.88 11.15 -1.42
CA LYS A 544 -2.26 11.74 -2.69
C LYS A 544 -2.79 13.24 -2.54
N SER A 545 -2.68 13.87 -1.35
CA SER A 545 -3.36 15.15 -1.06
C SER A 545 -2.72 16.36 -1.74
N LYS A 546 -1.62 16.19 -2.48
CA LYS A 546 -0.97 17.24 -3.24
C LYS A 546 -0.46 16.62 -4.53
N PRO A 547 -0.23 17.42 -5.57
CA PRO A 547 0.28 16.81 -6.82
C PRO A 547 1.64 16.17 -6.58
N TRP A 548 1.89 15.04 -7.26
CA TRP A 548 3.16 14.35 -7.02
C TRP A 548 4.34 15.23 -7.37
N THR A 549 4.18 16.09 -8.37
CA THR A 549 5.26 17.02 -8.72
C THR A 549 5.66 17.87 -7.51
N LEU A 550 4.69 18.29 -6.71
CA LEU A 550 5.01 19.02 -5.48
C LEU A 550 5.61 18.10 -4.44
N ALA A 551 5.16 16.85 -4.38
CA ALA A 551 5.69 15.91 -3.39
C ALA A 551 7.14 15.52 -3.70
N LEU A 552 7.44 15.31 -4.97
CA LEU A 552 8.80 15.03 -5.38
C LEU A 552 9.74 16.15 -4.94
N GLU A 553 9.41 17.39 -5.28
CA GLU A 553 10.31 18.51 -4.96
C GLU A 553 10.50 18.66 -3.45
N ASN A 554 9.48 18.35 -2.66
CA ASN A 554 9.63 18.47 -1.22
C ASN A 554 10.65 17.48 -0.65
N VAL A 555 11.12 16.54 -1.47
CA VAL A 555 12.22 15.63 -1.10
C VAL A 555 13.46 15.89 -1.95
N VAL A 556 13.40 15.61 -3.26
CA VAL A 556 14.57 15.72 -4.11
C VAL A 556 14.78 17.12 -4.67
N GLY A 557 13.84 18.03 -4.48
CA GLY A 557 13.97 19.32 -5.13
C GLY A 557 13.97 19.22 -6.64
N ALA A 558 13.06 18.42 -7.20
CA ALA A 558 12.79 18.39 -8.64
C ALA A 558 11.33 18.04 -8.86
N ARG A 559 10.82 18.36 -10.07
CA ARG A 559 9.40 18.25 -10.37
C ARG A 559 9.11 17.28 -11.52
N ASN A 560 10.03 16.35 -11.81
CA ASN A 560 9.79 15.30 -12.80
C ASN A 560 10.92 14.26 -12.68
N MET A 561 10.80 13.18 -13.44
CA MET A 561 11.85 12.19 -13.46
C MET A 561 13.15 12.82 -13.91
N ASP A 562 14.19 12.63 -13.09
CA ASP A 562 15.57 12.88 -13.48
C ASP A 562 16.31 11.57 -13.40
N VAL A 563 16.89 11.17 -14.53
CA VAL A 563 17.63 9.91 -14.55
C VAL A 563 18.99 10.03 -13.88
N ARG A 564 19.53 11.25 -13.80
CA ARG A 564 20.92 11.46 -13.36
C ARG A 564 21.28 10.71 -12.08
N PRO A 565 20.48 10.74 -11.02
CA PRO A 565 20.86 9.96 -9.83
C PRO A 565 21.08 8.49 -10.14
N LEU A 566 20.21 7.89 -10.96
CA LEU A 566 20.42 6.49 -11.32
C LEU A 566 21.72 6.31 -12.08
N LEU A 567 21.98 7.20 -13.02
CA LEU A 567 23.26 7.16 -13.74
C LEU A 567 24.43 7.34 -12.77
N ASN A 568 24.30 8.29 -11.84
CA ASN A 568 25.34 8.47 -10.84
C ASN A 568 25.53 7.20 -9.99
N TYR A 569 24.42 6.59 -9.55
CA TYR A 569 24.53 5.41 -8.70
C TYR A 569 25.31 4.31 -9.38
N PHE A 570 25.04 4.08 -10.66
CA PHE A 570 25.71 3.04 -11.43
C PHE A 570 26.93 3.56 -12.16
N GLU A 571 27.35 4.79 -11.90
CA GLU A 571 28.50 5.32 -12.62
C GLU A 571 29.70 4.40 -12.59
N PRO A 572 30.12 3.84 -11.44
CA PRO A 572 31.28 2.94 -11.46
C PRO A 572 31.09 1.71 -12.33
N LEU A 573 29.92 1.07 -12.27
CA LEU A 573 29.70 -0.08 -13.14
C LEU A 573 29.70 0.34 -14.60
N PHE A 574 29.33 1.58 -14.90
CA PHE A 574 29.35 2.02 -16.29
C PHE A 574 30.76 2.00 -16.85
N GLY A 575 31.70 2.64 -16.14
CA GLY A 575 33.08 2.65 -16.61
C GLY A 575 33.66 1.26 -16.73
N TRP A 576 33.36 0.39 -15.76
CA TRP A 576 33.83 -0.97 -15.84
C TRP A 576 33.30 -1.68 -17.07
N LEU A 577 31.98 -1.67 -17.26
CA LEU A 577 31.39 -2.39 -18.38
C LEU A 577 31.98 -1.91 -19.71
N LYS A 578 32.15 -0.60 -19.85
CA LYS A 578 32.64 -0.06 -21.10
C LYS A 578 34.05 -0.53 -21.41
N ASP A 579 34.83 -0.82 -20.36
CA ASP A 579 36.14 -1.42 -20.56
C ASP A 579 36.03 -2.88 -21.03
N GLN A 580 35.23 -3.69 -20.35
CA GLN A 580 35.05 -5.08 -20.78
C GLN A 580 34.63 -5.18 -22.23
N ASN A 581 33.76 -4.28 -22.69
CA ASN A 581 33.21 -4.39 -24.02
C ASN A 581 34.07 -3.70 -25.07
N ARG A 582 35.27 -3.24 -24.69
CA ARG A 582 35.90 -2.12 -25.39
C ARG A 582 36.16 -2.42 -26.86
N ASN A 583 36.53 -3.65 -27.18
CA ASN A 583 36.77 -4.01 -28.58
C ASN A 583 35.84 -5.15 -28.99
N SER A 584 34.58 -5.01 -28.61
CA SER A 584 33.53 -5.89 -29.07
C SER A 584 32.33 -5.07 -29.52
N PHE A 585 31.23 -5.75 -29.84
CA PHE A 585 30.01 -5.10 -30.30
C PHE A 585 29.10 -4.79 -29.12
N VAL A 586 28.53 -3.59 -29.12
CA VAL A 586 27.57 -3.15 -28.11
C VAL A 586 26.24 -2.87 -28.80
N GLY A 587 25.27 -3.73 -28.57
CA GLY A 587 24.05 -3.67 -29.34
C GLY A 587 23.56 -5.06 -29.67
N TRP A 588 22.70 -5.12 -30.70
CA TRP A 588 22.08 -6.38 -31.08
C TRP A 588 21.49 -6.32 -32.48
N ASN A 589 21.57 -7.45 -33.18
CA ASN A 589 20.94 -7.75 -34.46
C ASN A 589 19.46 -8.11 -34.24
N THR A 590 18.65 -7.96 -35.29
CA THR A 590 17.19 -8.18 -35.18
C THR A 590 16.71 -9.20 -36.24
N ASP A 591 17.45 -10.31 -36.37
CA ASP A 591 17.11 -11.39 -37.30
C ASP A 591 16.82 -12.71 -36.58
N PRO B 1 -21.86 12.64 55.69
CA PRO B 1 -22.36 11.67 54.70
C PRO B 1 -21.69 10.29 54.85
N THR B 2 -22.49 9.24 55.04
CA THR B 2 -22.00 7.90 55.35
C THR B 2 -21.97 6.97 54.14
N ASN B 3 -23.05 6.93 53.36
CA ASN B 3 -23.17 5.92 52.34
C ASN B 3 -22.17 6.18 51.19
N LEU B 4 -21.94 5.15 50.40
CA LEU B 4 -20.92 5.19 49.35
C LEU B 4 -21.49 5.71 48.03
N CYS B 5 -20.73 6.55 47.38
CA CYS B 5 -21.06 6.95 46.01
C CYS B 5 -21.02 5.74 45.08
N PRO B 6 -22.10 5.50 44.29
CA PRO B 6 -22.17 4.34 43.40
C PRO B 6 -21.42 4.55 42.09
N PHE B 7 -20.20 5.10 42.18
CA PHE B 7 -19.38 5.13 40.98
C PHE B 7 -19.10 3.74 40.46
N GLY B 8 -19.16 2.71 41.33
CA GLY B 8 -18.92 1.36 40.87
C GLY B 8 -19.92 0.92 39.82
N GLU B 9 -21.18 1.32 39.98
CA GLU B 9 -22.17 0.98 38.97
C GLU B 9 -21.81 1.61 37.65
N VAL B 10 -21.35 2.87 37.67
CA VAL B 10 -21.03 3.56 36.43
C VAL B 10 -19.90 2.85 35.70
N PHE B 11 -18.85 2.48 36.43
CA PHE B 11 -17.63 2.01 35.79
C PHE B 11 -17.73 0.53 35.44
N ASN B 12 -18.25 -0.29 36.35
CA ASN B 12 -18.39 -1.71 36.11
C ASN B 12 -19.73 -2.06 35.46
N ALA B 13 -20.44 -1.07 34.92
CA ALA B 13 -21.66 -1.36 34.16
C ALA B 13 -21.33 -2.29 33.00
N THR B 14 -22.19 -3.30 32.80
CA THR B 14 -21.93 -4.23 31.71
C THR B 14 -22.31 -3.65 30.37
N THR B 15 -23.38 -2.86 30.33
CA THR B 15 -23.89 -2.27 29.10
C THR B 15 -23.66 -0.75 29.12
N PHE B 16 -23.26 -0.21 27.98
CA PHE B 16 -22.70 1.14 27.91
C PHE B 16 -23.38 1.85 26.75
N ALA B 17 -23.56 3.16 26.89
CA ALA B 17 -24.49 3.87 26.00
C ALA B 17 -23.80 4.26 24.70
N SER B 18 -24.53 4.15 23.60
CA SER B 18 -24.07 4.76 22.37
C SER B 18 -23.93 6.27 22.57
N VAL B 19 -23.07 6.91 21.79
CA VAL B 19 -22.55 8.21 22.21
C VAL B 19 -23.52 9.35 21.90
N TYR B 20 -24.18 9.35 20.74
CA TYR B 20 -25.20 10.36 20.48
C TYR B 20 -26.30 10.31 21.52
N ALA B 21 -26.58 9.10 22.03
CA ALA B 21 -27.59 8.77 23.04
C ALA B 21 -27.01 8.69 24.44
N TRP B 22 -26.04 9.56 24.76
CA TRP B 22 -25.15 9.34 25.89
C TRP B 22 -25.84 9.43 27.23
N ASN B 23 -25.41 8.56 28.16
CA ASN B 23 -26.08 8.35 29.42
C ASN B 23 -25.56 9.31 30.48
N ARG B 24 -26.45 10.03 31.16
CA ARG B 24 -26.05 10.81 32.32
C ARG B 24 -26.72 10.29 33.58
N LYS B 25 -25.95 10.28 34.66
CA LYS B 25 -26.42 9.97 36.00
C LYS B 25 -25.89 11.04 36.93
N ARG B 26 -26.68 11.38 37.94
CA ARG B 26 -26.29 12.32 38.96
C ARG B 26 -25.97 11.55 40.24
N ILE B 27 -24.85 11.93 40.89
CA ILE B 27 -24.33 11.33 42.12
C ILE B 27 -24.40 12.41 43.19
N SER B 28 -25.07 12.13 44.29
CA SER B 28 -25.65 13.34 44.89
C SER B 28 -25.42 13.52 46.37
N ASN B 29 -25.47 12.45 47.15
CA ASN B 29 -25.37 12.63 48.60
C ASN B 29 -24.62 11.42 49.13
N CYS B 30 -23.29 11.52 49.15
CA CYS B 30 -22.47 10.34 49.29
C CYS B 30 -21.02 10.76 49.48
N VAL B 31 -20.24 9.82 49.96
CA VAL B 31 -18.81 10.00 50.17
C VAL B 31 -18.10 9.00 49.27
N ALA B 32 -16.98 9.43 48.68
CA ALA B 32 -16.30 8.62 47.69
C ALA B 32 -14.82 8.52 48.02
N ASP B 33 -14.23 7.38 47.66
CA ASP B 33 -12.80 7.28 47.54
C ASP B 33 -12.48 7.46 46.07
N TYR B 34 -11.93 8.61 45.72
CA TYR B 34 -11.48 8.81 44.35
C TYR B 34 -10.17 8.11 44.06
N SER B 35 -9.45 7.68 45.10
CA SER B 35 -8.18 7.00 44.88
C SER B 35 -8.38 5.76 44.02
N VAL B 36 -9.36 4.94 44.38
CA VAL B 36 -9.75 3.77 43.59
C VAL B 36 -9.95 4.15 42.13
N LEU B 37 -10.18 5.44 41.84
CA LEU B 37 -10.26 5.86 40.45
C LEU B 37 -8.87 6.11 39.88
N TYR B 38 -8.10 7.04 40.45
CA TYR B 38 -6.82 7.38 39.83
C TYR B 38 -5.77 6.30 40.05
N ASN B 39 -5.72 5.71 41.26
CA ASN B 39 -4.78 4.64 41.59
C ASN B 39 -5.17 3.33 40.90
N SER B 40 -5.06 3.29 39.57
CA SER B 40 -5.58 2.18 38.78
C SER B 40 -5.09 2.33 37.35
N THR B 41 -4.67 1.21 36.77
CA THR B 41 -3.93 1.24 35.51
C THR B 41 -4.76 0.72 34.33
N SER B 42 -6.07 0.59 34.52
CA SER B 42 -6.97 0.32 33.41
C SER B 42 -7.14 1.51 32.47
N PHE B 43 -6.85 2.73 32.94
CA PHE B 43 -7.35 3.95 32.31
C PHE B 43 -6.29 4.55 31.38
N SER B 44 -6.43 4.29 30.07
CA SER B 44 -5.63 4.96 29.06
C SER B 44 -5.65 6.47 29.21
N THR B 45 -6.84 7.06 29.38
CA THR B 45 -6.97 8.50 29.53
C THR B 45 -7.48 8.81 30.93
N PHE B 46 -6.89 9.81 31.57
CA PHE B 46 -7.44 10.35 32.81
C PHE B 46 -6.96 11.81 32.93
N LYS B 47 -7.75 12.73 32.38
CA LYS B 47 -7.37 14.14 32.35
C LYS B 47 -8.35 14.92 33.19
N CYS B 48 -7.86 15.88 33.95
CA CYS B 48 -8.75 16.68 34.78
C CYS B 48 -8.50 18.16 34.53
N TYR B 49 -9.58 18.90 34.43
CA TYR B 49 -9.55 20.34 34.17
C TYR B 49 -10.25 21.02 35.33
N GLY B 50 -9.57 21.95 35.99
CA GLY B 50 -10.11 22.64 37.13
C GLY B 50 -9.96 21.92 38.46
N VAL B 51 -9.81 20.62 38.45
CA VAL B 51 -9.47 19.89 39.67
C VAL B 51 -8.19 19.13 39.44
N SER B 52 -7.54 18.79 40.56
CA SER B 52 -6.38 17.91 40.58
C SER B 52 -6.76 16.62 41.29
N PRO B 53 -6.67 15.47 40.63
CA PRO B 53 -7.24 14.23 41.18
C PRO B 53 -6.79 13.88 42.59
N THR B 54 -5.52 14.08 42.93
CA THR B 54 -5.04 13.69 44.25
C THR B 54 -5.73 14.42 45.38
N LYS B 55 -6.28 15.60 45.11
CA LYS B 55 -6.96 16.38 46.13
C LYS B 55 -8.45 16.08 46.23
N LEU B 56 -9.04 15.47 45.20
CA LEU B 56 -10.46 15.13 45.17
C LEU B 56 -10.90 14.35 46.39
N ASN B 57 -9.97 13.83 47.19
CA ASN B 57 -10.37 13.13 48.41
C ASN B 57 -10.50 14.06 49.60
N ASP B 58 -10.11 15.32 49.47
CA ASP B 58 -10.38 16.32 50.49
C ASP B 58 -11.64 17.13 50.20
N LEU B 59 -12.11 17.10 48.97
CA LEU B 59 -12.99 18.13 48.44
C LEU B 59 -14.44 17.66 48.39
N CYS B 60 -15.34 18.52 48.83
CA CYS B 60 -16.77 18.26 48.71
C CYS B 60 -17.33 19.09 47.57
N PHE B 61 -18.16 18.48 46.72
CA PHE B 61 -18.90 19.21 45.71
C PHE B 61 -20.39 19.07 45.97
N THR B 62 -21.18 19.96 45.36
CA THR B 62 -22.62 19.86 45.55
C THR B 62 -23.23 18.72 44.72
N ASN B 63 -22.66 18.46 43.54
CA ASN B 63 -23.15 17.41 42.65
C ASN B 63 -22.01 16.93 41.77
N VAL B 64 -22.05 15.64 41.41
CA VAL B 64 -21.17 15.11 40.37
C VAL B 64 -22.03 14.39 39.35
N TYR B 65 -21.73 14.63 38.07
CA TYR B 65 -22.47 14.05 36.95
C TYR B 65 -21.56 13.13 36.16
N ALA B 66 -22.05 11.92 35.87
CA ALA B 66 -21.28 10.89 35.19
C ALA B 66 -21.93 10.61 33.83
N ASP B 67 -21.26 11.04 32.76
CA ASP B 67 -21.74 10.80 31.40
C ASP B 67 -20.89 9.70 30.77
N SER B 68 -21.51 8.71 30.14
CA SER B 68 -20.73 7.57 29.68
C SER B 68 -21.23 7.05 28.35
N PHE B 69 -20.30 6.88 27.42
CA PHE B 69 -20.58 6.40 26.08
C PHE B 69 -19.37 5.59 25.63
N VAL B 70 -19.41 5.12 24.38
CA VAL B 70 -18.30 4.40 23.77
C VAL B 70 -17.88 5.17 22.53
N ILE B 71 -16.59 5.21 22.27
CA ILE B 71 -16.04 5.97 21.13
C ILE B 71 -14.74 5.30 20.72
N THR B 72 -14.22 5.66 19.54
CA THR B 72 -12.95 5.09 19.14
C THR B 72 -11.81 5.77 19.88
N GLY B 73 -10.68 5.06 19.98
CA GLY B 73 -9.56 5.57 20.76
C GLY B 73 -9.07 6.92 20.28
N ASP B 74 -9.02 7.11 18.97
CA ASP B 74 -8.55 8.39 18.45
C ASP B 74 -9.47 9.53 18.89
N GLU B 75 -10.77 9.26 19.04
CA GLU B 75 -11.73 10.30 19.40
C GLU B 75 -11.63 10.74 20.85
N VAL B 76 -10.98 9.96 21.72
CA VAL B 76 -10.92 10.37 23.13
C VAL B 76 -10.21 11.70 23.27
N ARG B 77 -9.44 12.12 22.26
CA ARG B 77 -8.93 13.49 22.27
C ARG B 77 -10.07 14.50 22.14
N GLN B 78 -11.16 14.12 21.47
CA GLN B 78 -12.24 15.07 21.24
C GLN B 78 -13.03 15.37 22.51
N ILE B 79 -13.00 14.47 23.49
CA ILE B 79 -13.74 14.70 24.72
C ILE B 79 -12.86 15.56 25.62
N ALA B 80 -12.84 16.87 25.35
CA ALA B 80 -12.01 17.82 26.06
C ALA B 80 -12.56 19.22 25.80
N PRO B 81 -12.28 20.19 26.68
CA PRO B 81 -12.72 21.55 26.41
C PRO B 81 -12.07 22.09 25.14
N GLY B 82 -12.82 22.91 24.42
CA GLY B 82 -12.29 23.61 23.26
C GLY B 82 -11.79 22.65 22.20
N GLN B 83 -12.58 21.65 21.86
CA GLN B 83 -12.16 20.60 20.95
C GLN B 83 -13.17 20.50 19.83
N THR B 84 -12.72 20.01 18.67
CA THR B 84 -13.53 20.00 17.47
C THR B 84 -13.41 18.67 16.73
N GLY B 85 -14.42 18.35 15.93
CA GLY B 85 -14.54 17.09 15.23
C GLY B 85 -15.90 16.45 15.46
N LYS B 86 -16.18 15.41 14.65
CA LYS B 86 -17.55 14.90 14.55
C LYS B 86 -18.10 14.45 15.91
N ILE B 87 -17.24 14.05 16.85
CA ILE B 87 -17.79 13.75 18.17
C ILE B 87 -18.04 15.03 18.94
N ALA B 88 -17.00 15.87 19.07
CA ALA B 88 -17.11 17.14 19.79
C ALA B 88 -18.19 18.05 19.19
N ASP B 89 -18.48 17.92 17.89
CA ASP B 89 -19.41 18.80 17.20
C ASP B 89 -20.84 18.27 17.15
N TYR B 90 -21.02 16.96 17.04
CA TYR B 90 -22.31 16.38 16.70
C TYR B 90 -22.85 15.33 17.68
N ASN B 91 -22.07 14.91 18.69
CA ASN B 91 -22.47 13.90 19.66
C ASN B 91 -22.23 14.29 21.11
N TYR B 92 -21.13 15.00 21.40
CA TYR B 92 -20.79 15.32 22.79
C TYR B 92 -19.81 16.47 22.82
N LYS B 93 -20.23 17.59 23.42
CA LYS B 93 -19.46 18.82 23.47
C LYS B 93 -19.29 19.23 24.92
N LEU B 94 -18.03 19.21 25.41
CA LEU B 94 -17.89 19.73 26.76
C LEU B 94 -17.65 21.23 26.73
N PRO B 95 -18.06 21.93 27.78
CA PRO B 95 -17.94 23.39 27.79
C PRO B 95 -16.52 23.83 28.11
N ASP B 96 -16.20 25.02 27.63
CA ASP B 96 -14.85 25.55 27.82
C ASP B 96 -14.51 25.75 29.29
N ASP B 97 -15.51 25.92 30.16
CA ASP B 97 -15.27 26.15 31.57
C ASP B 97 -15.32 24.87 32.39
N PHE B 98 -15.40 23.71 31.73
CA PHE B 98 -15.48 22.41 32.38
C PHE B 98 -14.54 22.32 33.57
N THR B 99 -15.07 21.96 34.74
CA THR B 99 -14.24 21.48 35.83
C THR B 99 -14.62 20.03 36.10
N GLY B 100 -13.78 19.10 35.66
CA GLY B 100 -14.05 17.70 35.90
C GLY B 100 -12.96 16.82 35.30
N CYS B 101 -13.31 15.57 35.00
CA CYS B 101 -12.29 14.58 34.65
C CYS B 101 -12.83 13.61 33.59
N VAL B 102 -12.31 13.69 32.38
CA VAL B 102 -12.52 12.64 31.41
C VAL B 102 -11.72 11.41 31.80
N ILE B 103 -12.37 10.24 31.80
CA ILE B 103 -11.73 8.97 32.11
C ILE B 103 -12.13 7.99 31.03
N ALA B 104 -11.16 7.28 30.47
CA ALA B 104 -11.43 6.33 29.40
C ALA B 104 -10.53 5.11 29.54
N TRP B 105 -11.04 3.95 29.12
CA TRP B 105 -10.25 2.73 29.12
C TRP B 105 -10.57 1.90 27.89
N ASN B 106 -9.59 1.10 27.44
CA ASN B 106 -9.80 0.28 26.26
C ASN B 106 -10.75 -0.85 26.57
N SER B 107 -11.72 -1.06 25.69
CA SER B 107 -12.76 -2.07 25.86
C SER B 107 -12.91 -2.91 24.62
N LYS B 108 -11.78 -3.32 24.03
CA LYS B 108 -11.85 -4.22 22.89
C LYS B 108 -12.34 -5.60 23.32
N HIS B 109 -12.02 -5.99 24.56
CA HIS B 109 -12.38 -7.32 25.02
C HIS B 109 -13.89 -7.52 25.02
N ILE B 110 -14.66 -6.49 25.41
CA ILE B 110 -16.12 -6.58 25.54
C ILE B 110 -16.85 -5.96 24.35
N ASP B 111 -16.42 -4.79 23.88
CA ASP B 111 -17.22 -4.09 22.89
C ASP B 111 -16.82 -4.41 21.45
N ALA B 112 -15.84 -5.28 21.22
CA ALA B 112 -15.54 -5.77 19.87
C ALA B 112 -15.54 -7.30 19.86
N LYS B 113 -15.88 -7.87 18.71
CA LYS B 113 -16.08 -9.31 18.60
C LYS B 113 -15.94 -9.73 17.15
N GLU B 114 -15.59 -11.00 16.96
CA GLU B 114 -15.34 -11.53 15.62
C GLU B 114 -16.56 -11.32 14.71
N GLY B 115 -16.29 -10.87 13.49
CA GLY B 115 -17.32 -10.48 12.56
C GLY B 115 -17.73 -9.03 12.63
N GLY B 116 -17.41 -8.36 13.73
CA GLY B 116 -17.81 -7.01 13.99
C GLY B 116 -18.91 -6.96 15.05
N ASN B 117 -18.91 -5.87 15.81
CA ASN B 117 -20.01 -5.52 16.71
C ASN B 117 -20.53 -4.16 16.27
N PHE B 118 -21.81 -4.10 15.93
CA PHE B 118 -22.35 -2.87 15.36
C PHE B 118 -23.40 -2.22 16.26
N ASN B 119 -23.36 -2.48 17.56
CA ASN B 119 -24.43 -2.03 18.43
C ASN B 119 -24.27 -0.59 18.91
N TYR B 120 -23.35 0.19 18.32
CA TYR B 120 -23.06 1.55 18.73
C TYR B 120 -23.18 2.50 17.55
N LEU B 121 -23.59 3.73 17.82
CA LEU B 121 -23.94 4.67 16.77
C LEU B 121 -23.39 6.05 17.10
N TYR B 122 -23.52 6.95 16.13
CA TYR B 122 -22.88 8.25 16.20
C TYR B 122 -23.45 9.09 15.06
N ARG B 123 -23.28 10.40 15.18
CA ARG B 123 -23.97 11.34 14.32
C ARG B 123 -22.95 12.00 13.41
N LEU B 124 -22.91 11.55 12.15
CA LEU B 124 -22.00 12.17 11.19
C LEU B 124 -22.38 13.62 10.89
N PHE B 125 -23.68 13.91 10.76
CA PHE B 125 -24.11 15.20 10.23
C PHE B 125 -25.04 15.92 11.18
N ARG B 126 -24.96 17.24 11.18
CA ARG B 126 -25.97 18.05 11.86
C ARG B 126 -26.02 19.44 11.24
N LYS B 127 -27.21 20.04 11.30
CA LYS B 127 -27.38 21.40 10.79
C LYS B 127 -26.48 22.39 11.53
N ALA B 128 -26.41 22.26 12.86
CA ALA B 128 -25.50 23.10 13.65
C ALA B 128 -24.77 22.25 14.68
N ASN B 129 -23.61 22.75 15.10
CA ASN B 129 -22.89 22.13 16.20
C ASN B 129 -23.76 22.12 17.47
N LEU B 130 -23.36 21.28 18.42
CA LEU B 130 -24.15 21.09 19.63
C LEU B 130 -23.83 22.16 20.65
N LYS B 131 -24.75 22.33 21.54
CA LYS B 131 -24.51 23.11 22.73
C LYS B 131 -23.80 22.24 23.77
N PRO B 132 -23.04 22.86 24.66
CA PRO B 132 -22.34 22.08 25.68
C PRO B 132 -23.31 21.28 26.53
N PHE B 133 -23.07 19.98 26.61
CA PHE B 133 -23.92 19.06 27.32
C PHE B 133 -25.30 19.00 26.68
N GLU B 134 -25.38 19.20 25.36
CA GLU B 134 -26.63 19.01 24.64
C GLU B 134 -26.69 17.60 24.08
N ARG B 135 -27.83 16.94 24.29
CA ARG B 135 -28.09 15.58 23.87
C ARG B 135 -29.17 15.64 22.77
N ASP B 136 -29.06 14.76 21.77
CA ASP B 136 -29.82 14.86 20.52
C ASP B 136 -29.95 13.45 19.95
N ILE B 137 -31.09 12.82 20.17
CA ILE B 137 -31.30 11.46 19.70
C ILE B 137 -32.21 11.42 18.46
N SER B 138 -32.31 12.54 17.74
CA SER B 138 -33.16 12.62 16.55
C SER B 138 -32.70 11.65 15.47
N THR B 139 -33.66 11.12 14.73
CA THR B 139 -33.39 10.34 13.53
C THR B 139 -33.90 11.06 12.29
N GLU B 140 -34.02 12.38 12.37
CA GLU B 140 -34.52 13.16 11.26
C GLU B 140 -33.48 13.24 10.15
N ILE B 141 -33.95 13.34 8.91
CA ILE B 141 -33.08 13.28 7.75
C ILE B 141 -32.36 14.60 7.57
N TYR B 142 -31.04 14.54 7.51
CA TYR B 142 -30.25 15.76 7.36
C TYR B 142 -30.38 16.31 5.94
N GLN B 143 -30.70 17.60 5.84
CA GLN B 143 -30.81 18.29 4.56
C GLN B 143 -29.84 19.45 4.56
N ALA B 144 -28.78 19.33 3.76
CA ALA B 144 -27.85 20.43 3.60
C ALA B 144 -28.19 21.30 2.40
N GLY B 145 -29.01 20.78 1.49
CA GLY B 145 -29.35 21.46 0.26
C GLY B 145 -30.58 22.33 0.38
N SER B 146 -31.11 22.67 -0.79
CA SER B 146 -32.36 23.43 -0.86
C SER B 146 -33.57 22.51 -0.96
N LYS B 147 -33.56 21.59 -1.94
CA LYS B 147 -34.66 20.67 -2.10
C LYS B 147 -34.83 19.84 -0.84
N PRO B 148 -35.99 19.88 -0.19
CA PRO B 148 -36.16 19.16 1.09
C PRO B 148 -36.14 17.65 0.91
N CYS B 149 -36.12 16.96 2.04
CA CYS B 149 -36.28 15.51 2.06
C CYS B 149 -37.64 15.19 2.67
N ASN B 150 -38.31 14.20 2.10
CA ASN B 150 -39.50 13.65 2.76
C ASN B 150 -39.15 12.31 3.42
N GLY B 151 -38.26 12.37 4.39
CA GLY B 151 -37.67 11.13 4.88
C GLY B 151 -37.04 10.35 3.75
N GLN B 152 -36.43 11.05 2.81
CA GLN B 152 -35.95 10.49 1.56
C GLN B 152 -34.43 10.60 1.53
N THR B 153 -33.73 9.47 1.47
CA THR B 153 -32.27 9.50 1.43
C THR B 153 -31.80 9.60 -0.02
N GLY B 154 -31.14 10.71 -0.34
CA GLY B 154 -30.74 10.96 -1.71
C GLY B 154 -29.85 12.17 -1.76
N LEU B 155 -29.80 12.80 -2.94
CA LEU B 155 -28.95 13.96 -3.14
C LEU B 155 -29.12 14.97 -2.01
N ASN B 156 -28.05 15.19 -1.24
CA ASN B 156 -28.03 16.18 -0.17
C ASN B 156 -29.03 15.89 0.94
N CYS B 157 -29.37 14.61 1.11
CA CYS B 157 -30.37 14.15 2.07
C CYS B 157 -29.90 12.82 2.67
N TYR B 158 -29.25 12.89 3.84
CA TYR B 158 -28.59 11.72 4.44
C TYR B 158 -29.16 11.40 5.81
N TYR B 159 -29.40 10.11 6.05
CA TYR B 159 -29.76 9.62 7.38
C TYR B 159 -28.61 9.93 8.34
N PRO B 160 -28.89 10.51 9.51
CA PRO B 160 -27.82 11.15 10.30
C PRO B 160 -27.01 10.21 11.20
N LEU B 161 -27.32 8.91 11.29
CA LEU B 161 -26.62 8.02 12.21
C LEU B 161 -25.90 6.90 11.48
N TYR B 162 -24.70 6.57 11.94
CA TYR B 162 -23.89 5.50 11.37
C TYR B 162 -23.42 4.57 12.48
N ARG B 163 -23.23 3.30 12.13
CA ARG B 163 -22.78 2.35 13.13
C ARG B 163 -21.25 2.23 13.17
N TYR B 164 -20.75 2.15 14.40
CA TYR B 164 -19.40 1.69 14.62
C TYR B 164 -19.31 0.23 14.24
N GLY B 165 -18.23 -0.14 13.56
CA GLY B 165 -17.91 -1.54 13.44
C GLY B 165 -16.63 -1.88 14.17
N PHE B 166 -16.75 -2.55 15.32
CA PHE B 166 -15.60 -2.85 16.15
C PHE B 166 -15.18 -4.30 15.92
N TYR B 167 -13.95 -4.50 15.47
CA TYR B 167 -13.38 -5.82 15.24
C TYR B 167 -12.16 -6.04 16.12
N PRO B 168 -11.90 -7.29 16.55
CA PRO B 168 -10.69 -7.57 17.35
C PRO B 168 -9.39 -7.19 16.66
N THR B 169 -9.33 -7.31 15.34
CA THR B 169 -8.13 -6.98 14.60
C THR B 169 -7.90 -5.49 14.40
N ASP B 170 -8.84 -4.64 14.80
CA ASP B 170 -8.73 -3.22 14.48
C ASP B 170 -7.51 -2.58 15.13
N GLY B 171 -6.89 -1.63 14.43
CA GLY B 171 -5.78 -0.90 15.02
C GLY B 171 -6.23 -0.13 16.23
N VAL B 172 -5.29 0.10 17.16
CA VAL B 172 -5.66 0.64 18.47
C VAL B 172 -6.47 1.94 18.36
N GLY B 173 -6.21 2.75 17.34
CA GLY B 173 -6.92 4.01 17.25
C GLY B 173 -8.38 3.89 16.84
N HIS B 174 -8.79 2.72 16.37
CA HIS B 174 -10.14 2.47 15.89
C HIS B 174 -10.87 1.42 16.72
N GLN B 175 -10.25 0.93 17.78
CA GLN B 175 -10.84 0.03 18.76
C GLN B 175 -11.81 0.78 19.68
N PRO B 176 -12.80 0.08 20.24
CA PRO B 176 -13.75 0.74 21.13
C PRO B 176 -13.13 1.10 22.45
N TYR B 177 -13.47 2.28 22.96
CA TYR B 177 -13.07 2.70 24.28
C TYR B 177 -14.30 3.12 25.06
N ARG B 178 -14.38 2.74 26.33
CA ARG B 178 -15.44 3.24 27.18
C ARG B 178 -14.96 4.50 27.86
N VAL B 179 -15.80 5.53 27.84
CA VAL B 179 -15.47 6.85 28.36
C VAL B 179 -16.45 7.19 29.46
N VAL B 180 -16.01 8.02 30.41
CA VAL B 180 -16.79 8.44 31.57
C VAL B 180 -16.34 9.84 31.91
N VAL B 181 -17.24 10.81 31.88
CA VAL B 181 -16.89 12.19 32.18
C VAL B 181 -17.51 12.53 33.51
N LEU B 182 -16.70 12.94 34.46
CA LEU B 182 -17.19 13.36 35.75
C LEU B 182 -17.12 14.87 35.78
N SER B 183 -18.25 15.51 36.02
CA SER B 183 -18.31 16.95 36.22
C SER B 183 -18.45 17.18 37.71
N PHE B 184 -17.58 18.00 38.26
CA PHE B 184 -17.66 18.38 39.65
C PHE B 184 -18.27 19.78 39.67
N GLU B 185 -19.46 19.88 40.26
CA GLU B 185 -20.27 21.08 40.18
C GLU B 185 -20.17 21.84 41.48
N LEU B 186 -19.89 23.13 41.40
CA LEU B 186 -19.78 23.99 42.57
C LEU B 186 -20.83 25.11 42.53
N LEU B 187 -21.93 24.92 43.26
CA LEU B 187 -22.99 25.90 43.44
C LEU B 187 -22.95 26.47 44.85
N ASN B 188 -23.37 27.72 45.02
CA ASN B 188 -23.46 28.20 46.38
C ASN B 188 -24.63 27.53 47.08
N ALA B 189 -24.49 26.23 47.34
CA ALA B 189 -25.46 25.34 47.96
C ALA B 189 -24.69 24.47 48.93
N PRO B 190 -25.33 23.65 49.78
CA PRO B 190 -24.54 22.71 50.58
C PRO B 190 -23.92 21.64 49.69
N ALA B 191 -22.77 21.13 50.12
CA ALA B 191 -22.00 20.21 49.30
C ALA B 191 -21.94 18.84 49.97
N THR B 192 -22.49 17.84 49.30
CA THR B 192 -22.68 16.51 49.90
C THR B 192 -22.04 15.38 49.11
N VAL B 193 -21.32 15.65 48.03
CA VAL B 193 -20.51 14.63 47.37
C VAL B 193 -19.06 14.88 47.77
N CYS B 194 -18.57 14.12 48.75
CA CYS B 194 -17.28 14.42 49.37
C CYS B 194 -16.24 13.32 49.16
N GLY B 195 -14.99 13.74 49.10
CA GLY B 195 -13.89 12.80 49.14
C GLY B 195 -13.73 12.15 50.51
N HIS B 196 -12.89 11.12 50.54
CA HIS B 196 -12.76 10.24 51.69
C HIS B 196 -12.34 10.97 52.96
N HIS B 197 -11.67 12.12 52.84
CA HIS B 197 -11.24 12.91 54.00
C HIS B 197 -12.18 14.10 54.18
N HIS B 198 -13.34 13.85 54.79
CA HIS B 198 -14.31 14.88 55.21
C HIS B 198 -14.59 16.00 54.17
#